data_4K38
#
_entry.id   4K38
#
_cell.length_a   44.383
_cell.length_b   92.068
_cell.length_c   91.102
_cell.angle_alpha   90.000
_cell.angle_beta   91.210
_cell.angle_gamma   90.000
#
_symmetry.space_group_name_H-M   'P 1 21 1'
#
loop_
_entity.id
_entity.type
_entity.pdbx_description
1 polymer 'Anaerobic sulfatase-maturating enzyme'
2 polymer 'Kp18Cys peptide'
3 non-polymer 'IRON/SULFUR CLUSTER'
4 non-polymer S-ADENOSYLMETHIONINE
5 non-polymer GLYCEROL
6 non-polymer 'CHLORIDE ION'
7 water water
#
loop_
_entity_poly.entity_id
_entity_poly.type
_entity_poly.pdbx_seq_one_letter_code
_entity_poly.pdbx_strand_id
1 'polypeptide(L)'
;MPPLSLLIKPASSGCNLKCTYCFYHSLSDNRNVKSYGIMRDEVLESMVKRVLNEANGHCSFAFQGGEPTLAGLEFFEKLM
ELQRKHNYKNLKIYNSLQTNGTLIDESWAKFLSENKFLVGLSMDGPKEIHNLNRKDCCGLDTFSKVERAAELFKKYKVEF
NILCVVTSNTARHVNKVYKYFKEKDFKFLQFINCLDPLYEEKGKYNYSLKPKDYTKFLKNLFDFWYEDFLNGNRVSIRYF
DGLLETILLGKSSSCGMNGTCTCQFVVESDGSVYPCDFYVLDKWRLGNIQDMTMKELFETNKNHEFIKLSFKVHEECKKC
KWFRLCKGGCRRCRDSKEDSALELNYYCQSYKEFFEYAFPRLINVANNIK
;
A,B
2 'polypeptide(L)' YYTSPMCAPARSMLLTGN C,D
#
loop_
_chem_comp.id
_chem_comp.type
_chem_comp.name
_chem_comp.formula
CL non-polymer 'CHLORIDE ION' 'Cl -1'
GOL non-polymer GLYCEROL 'C3 H8 O3'
SAM non-polymer S-ADENOSYLMETHIONINE 'C15 H22 N6 O5 S'
SF4 non-polymer 'IRON/SULFUR CLUSTER' 'Fe4 S4'
#
# COMPACT_ATOMS: atom_id res chain seq x y z
N PRO A 2 5.13 9.41 1.05
CA PRO A 2 4.12 8.70 0.26
C PRO A 2 4.03 7.22 0.65
N PRO A 3 3.75 6.95 1.92
CA PRO A 3 3.57 8.01 2.91
C PRO A 3 4.91 8.63 3.28
N LEU A 4 4.90 9.81 3.87
CA LEU A 4 6.11 10.48 4.21
C LEU A 4 6.20 10.68 5.70
N SER A 5 7.39 10.45 6.23
CA SER A 5 7.63 10.71 7.65
C SER A 5 8.83 11.65 7.77
N LEU A 6 8.68 12.73 8.53
CA LEU A 6 9.79 13.65 8.74
C LEU A 6 10.15 13.79 10.21
N LEU A 7 11.41 14.09 10.49
CA LEU A 7 11.88 14.37 11.83
C LEU A 7 12.36 15.78 11.86
N ILE A 8 11.62 16.66 12.51
CA ILE A 8 11.84 18.09 12.38
C ILE A 8 12.45 18.67 13.65
N LYS A 9 13.38 19.59 13.52
CA LYS A 9 14.03 20.23 14.64
C LYS A 9 13.64 21.70 14.67
N PRO A 10 12.48 22.01 15.25
CA PRO A 10 11.95 23.36 15.02
C PRO A 10 12.69 24.44 15.80
N ALA A 11 13.45 24.04 16.83
CA ALA A 11 14.33 24.99 17.53
C ALA A 11 15.77 24.59 17.29
N SER A 12 15.98 23.83 16.21
CA SER A 12 17.30 23.33 15.86
C SER A 12 17.90 22.54 17.04
N SER A 13 19.17 22.76 17.32
CA SER A 13 19.86 22.06 18.39
C SER A 13 19.78 22.83 19.70
N GLY A 14 19.03 23.92 19.72
CA GLY A 14 18.86 24.71 20.93
C GLY A 14 18.15 23.97 22.04
N CYS A 15 18.62 24.13 23.27
CA CYS A 15 18.04 23.41 24.39
C CYS A 15 18.28 24.17 25.69
N ASN A 16 17.42 23.92 26.66
CA ASN A 16 17.59 24.47 27.99
C ASN A 16 18.33 23.58 29.01
N LEU A 17 18.53 22.29 28.73
CA LEU A 17 19.34 21.46 29.64
C LEU A 17 20.76 21.23 29.14
N LYS A 18 21.51 20.43 29.90
CA LYS A 18 22.86 20.12 29.57
C LYS A 18 23.16 18.72 29.98
N CYS A 19 22.39 17.80 29.44
CA CYS A 19 22.63 16.37 29.69
C CYS A 19 24.03 15.90 29.28
N THR A 20 24.67 15.23 30.20
CA THR A 20 26.10 14.96 30.05
C THR A 20 26.45 14.21 28.77
N TYR A 21 25.58 13.29 28.35
CA TYR A 21 25.87 12.41 27.21
C TYR A 21 25.32 12.95 25.90
N CYS A 22 24.64 14.08 25.97
CA CYS A 22 23.97 14.58 24.78
C CYS A 22 24.93 15.24 23.78
N PHE A 23 24.93 14.72 22.57
CA PHE A 23 25.67 15.34 21.47
C PHE A 23 24.73 15.99 20.43
N TYR A 24 23.49 16.28 20.84
CA TYR A 24 22.52 16.95 19.98
C TYR A 24 22.36 18.42 20.34
N HIS A 25 23.01 18.82 21.42
CA HIS A 25 22.92 20.20 21.88
C HIS A 25 24.31 20.64 22.34
N SER A 26 24.67 21.88 22.04
CA SER A 26 25.89 22.50 22.57
C SER A 26 25.91 22.46 24.09
N LEU A 27 26.90 21.76 24.66
CA LEU A 27 27.05 21.62 26.10
C LEU A 27 28.09 22.60 26.66
N SER A 28 29.16 22.82 25.91
CA SER A 28 30.33 23.62 26.39
C SER A 28 31.27 24.03 25.28
N ASP A 29 32.42 24.63 25.62
CA ASP A 29 33.38 24.96 24.54
C ASP A 29 33.96 23.76 23.78
N ASN A 30 34.06 22.65 24.47
CA ASN A 30 34.57 21.44 23.82
C ASN A 30 33.55 20.51 23.14
N ARG A 31 32.23 20.72 23.34
CA ARG A 31 31.19 19.96 22.65
C ARG A 31 30.14 20.91 22.05
N ASN A 32 30.45 21.46 20.89
CA ASN A 32 29.61 22.41 20.21
C ASN A 32 28.79 21.78 19.09
N VAL A 33 27.55 22.19 18.94
CA VAL A 33 26.67 21.70 17.89
C VAL A 33 26.10 22.94 17.20
N LYS A 34 26.08 22.93 15.88
CA LYS A 34 25.57 24.06 15.12
C LYS A 34 24.08 24.27 15.38
N SER A 35 23.66 25.51 15.65
CA SER A 35 22.22 25.81 15.72
C SER A 35 21.75 26.80 14.66
N TYR A 36 20.63 26.50 14.03
CA TYR A 36 20.05 27.42 13.05
C TYR A 36 18.94 28.28 13.63
N GLY A 37 18.75 28.22 14.96
CA GLY A 37 17.69 28.99 15.58
C GLY A 37 16.29 28.41 15.39
N ILE A 38 15.27 29.24 15.57
CA ILE A 38 13.91 28.75 15.47
C ILE A 38 13.44 28.78 14.02
N MET A 39 12.80 27.71 13.57
CA MET A 39 12.30 27.66 12.21
C MET A 39 11.36 28.85 11.87
N ARG A 40 11.72 29.64 10.86
CA ARG A 40 10.87 30.76 10.38
C ARG A 40 9.56 30.27 9.77
N ASP A 41 8.51 31.10 9.84
CA ASP A 41 7.18 30.76 9.33
C ASP A 41 7.25 30.31 7.89
N GLU A 42 8.05 30.99 7.08
CA GLU A 42 8.06 30.63 5.66
C GLU A 42 8.64 29.25 5.42
N VAL A 43 9.58 28.83 6.25
CA VAL A 43 10.12 27.48 6.12
C VAL A 43 9.09 26.47 6.56
N LEU A 44 8.44 26.73 7.68
CA LEU A 44 7.43 25.81 8.20
C LEU A 44 6.29 25.67 7.18
N GLU A 45 5.92 26.78 6.57
CA GLU A 45 4.84 26.75 5.60
C GLU A 45 5.26 25.96 4.38
N SER A 46 6.45 26.22 3.89
CA SER A 46 6.95 25.49 2.73
C SER A 46 7.06 23.98 3.00
N MET A 47 7.54 23.63 4.19
CA MET A 47 7.66 22.22 4.60
C MET A 47 6.31 21.49 4.68
N VAL A 48 5.37 22.09 5.41
CA VAL A 48 4.05 21.48 5.58
C VAL A 48 3.29 21.31 4.26
N LYS A 49 3.25 22.36 3.43
CA LYS A 49 2.59 22.23 2.12
C LYS A 49 3.27 21.18 1.24
N ARG A 50 4.61 21.14 1.23
CA ARG A 50 5.26 20.14 0.38
C ARG A 50 4.90 18.71 0.78
N VAL A 51 4.90 18.43 2.08
CA VAL A 51 4.55 17.10 2.57
C VAL A 51 3.11 16.78 2.21
N LEU A 52 2.20 17.72 2.43
CA LEU A 52 0.78 17.45 2.14
C LEU A 52 0.53 17.28 0.65
N ASN A 53 1.29 17.99 -0.17
CA ASN A 53 1.16 17.89 -1.62
C ASN A 53 1.74 16.61 -2.20
N GLU A 54 2.80 16.13 -1.58
CA GLU A 54 3.58 15.05 -2.15
C GLU A 54 3.35 13.68 -1.54
N ALA A 55 2.90 13.65 -0.28
CA ALA A 55 2.67 12.34 0.38
C ALA A 55 1.40 11.69 -0.17
N ASN A 56 1.35 10.37 -0.13
CA ASN A 56 0.19 9.58 -0.47
C ASN A 56 -0.03 8.64 0.70
N GLY A 57 -1.29 8.27 0.94
CA GLY A 57 -1.61 7.41 2.05
C GLY A 57 -1.69 8.20 3.34
N HIS A 58 -0.55 8.59 3.89
CA HIS A 58 -0.58 9.38 5.12
C HIS A 58 0.77 10.04 5.29
N CYS A 59 0.88 10.87 6.31
CA CYS A 59 2.16 11.50 6.60
C CYS A 59 2.34 11.69 8.10
N SER A 60 3.58 11.88 8.49
CA SER A 60 3.89 11.99 9.90
C SER A 60 4.89 13.11 10.12
N PHE A 61 4.62 13.94 11.13
CA PHE A 61 5.54 15.02 11.47
C PHE A 61 5.96 14.78 12.90
N ALA A 62 7.27 14.55 13.13
CA ALA A 62 7.82 14.35 14.48
C ALA A 62 8.71 15.52 14.85
N PHE A 63 8.53 16.05 16.05
CA PHE A 63 9.32 17.23 16.42
C PHE A 63 10.26 16.88 17.56
N GLN A 64 11.56 17.11 17.32
CA GLN A 64 12.63 16.74 18.24
C GLN A 64 13.68 17.87 18.23
N GLY A 65 14.97 17.55 18.34
CA GLY A 65 15.99 18.60 18.50
C GLY A 65 17.24 18.13 19.24
N GLY A 66 17.84 18.97 20.11
CA GLY A 66 17.24 20.20 20.58
C GLY A 66 16.02 19.93 21.44
N GLU A 67 15.53 20.96 22.12
CA GLU A 67 14.25 20.89 22.83
C GLU A 67 13.16 21.57 21.99
N PRO A 68 12.24 20.79 21.41
CA PRO A 68 11.30 21.43 20.46
C PRO A 68 10.31 22.38 21.11
N THR A 69 10.01 22.24 22.40
CA THR A 69 9.10 23.23 23.01
C THR A 69 9.69 24.65 23.03
N LEU A 70 10.99 24.76 22.81
CA LEU A 70 11.63 26.07 22.72
C LEU A 70 11.14 26.88 21.53
N ALA A 71 10.55 26.22 20.55
CA ALA A 71 9.96 26.96 19.42
C ALA A 71 8.71 27.73 19.86
N GLY A 72 8.12 27.30 20.97
CA GLY A 72 6.97 27.99 21.55
C GLY A 72 5.64 27.41 21.08
N LEU A 73 4.61 27.58 21.90
CA LEU A 73 3.30 26.97 21.63
C LEU A 73 2.67 27.53 20.36
N GLU A 74 2.95 28.77 20.10
CA GLU A 74 2.43 29.43 18.94
C GLU A 74 2.91 28.79 17.62
N PHE A 75 4.16 28.38 17.61
CA PHE A 75 4.71 27.65 16.45
C PHE A 75 3.87 26.39 16.15
N PHE A 76 3.49 25.67 17.21
CA PHE A 76 2.71 24.46 17.05
C PHE A 76 1.24 24.75 16.75
N GLU A 77 0.74 25.85 17.27
CA GLU A 77 -0.56 26.37 16.84
C GLU A 77 -0.57 26.62 15.33
N LYS A 78 0.48 27.18 14.82
CA LYS A 78 0.59 27.53 13.42
C LYS A 78 0.65 26.27 12.59
N LEU A 79 1.44 25.33 13.07
CA LEU A 79 1.55 24.02 12.43
C LEU A 79 0.20 23.42 12.18
N MET A 80 -0.65 23.43 13.20
CA MET A 80 -1.94 22.79 13.14
C MET A 80 -2.86 23.53 12.16
N GLU A 81 -2.71 24.84 12.12
CA GLU A 81 -3.50 25.67 11.26
C GLU A 81 -3.13 25.37 9.82
N LEU A 82 -1.83 25.23 9.54
CA LEU A 82 -1.37 24.84 8.19
C LEU A 82 -1.89 23.47 7.78
N GLN A 83 -1.87 22.52 8.71
CA GLN A 83 -2.36 21.17 8.41
C GLN A 83 -3.85 21.16 8.09
N ARG A 84 -4.62 21.97 8.82
CA ARG A 84 -6.05 22.10 8.55
C ARG A 84 -6.34 22.69 7.18
N LYS A 85 -5.63 23.75 6.83
CA LYS A 85 -5.93 24.51 5.62
C LYS A 85 -5.43 23.86 4.36
N HIS A 86 -4.35 23.08 4.44
CA HIS A 86 -3.62 22.76 3.21
C HIS A 86 -3.53 21.28 2.91
N ASN A 87 -4.31 20.48 3.63
CA ASN A 87 -4.31 19.04 3.43
C ASN A 87 -5.35 18.71 2.36
N TYR A 88 -5.03 19.06 1.10
CA TYR A 88 -6.04 19.02 0.03
C TYR A 88 -6.40 17.59 -0.32
N LYS A 89 -5.51 16.65 0.00
CA LYS A 89 -5.77 15.23 -0.30
C LYS A 89 -6.48 14.49 0.81
N ASN A 90 -6.72 15.19 1.92
CA ASN A 90 -7.38 14.59 3.07
C ASN A 90 -6.59 13.38 3.54
N LEU A 91 -5.28 13.56 3.61
CA LEU A 91 -4.42 12.53 4.18
C LEU A 91 -4.64 12.42 5.67
N LYS A 92 -4.44 11.22 6.19
CA LYS A 92 -4.27 11.06 7.63
C LYS A 92 -2.93 11.67 8.04
N ILE A 93 -2.95 12.45 9.12
CA ILE A 93 -1.73 13.10 9.61
C ILE A 93 -1.40 12.69 11.05
N TYR A 94 -0.17 12.25 11.27
CA TYR A 94 0.28 11.91 12.61
C TYR A 94 1.27 12.96 13.07
N ASN A 95 1.08 13.44 14.29
CA ASN A 95 2.04 14.39 14.86
C ASN A 95 2.64 13.80 16.12
N SER A 96 3.91 14.10 16.37
CA SER A 96 4.54 13.59 17.58
C SER A 96 5.57 14.61 18.07
N LEU A 97 5.92 14.53 19.35
CA LEU A 97 6.81 15.51 19.95
C LEU A 97 7.68 14.76 20.94
N GLN A 98 8.97 14.97 20.90
CA GLN A 98 9.86 14.40 21.88
C GLN A 98 10.41 15.53 22.73
N THR A 99 10.19 15.42 24.03
CA THR A 99 10.45 16.56 24.91
C THR A 99 11.17 16.22 26.19
N ASN A 100 11.95 17.17 26.72
CA ASN A 100 12.56 16.98 28.04
C ASN A 100 11.54 17.23 29.14
N GLY A 101 10.39 17.79 28.75
CA GLY A 101 9.26 18.00 29.65
C GLY A 101 9.37 19.18 30.62
N THR A 102 10.54 19.81 30.70
CA THR A 102 10.76 20.83 31.76
C THR A 102 9.96 22.11 31.60
N LEU A 103 9.48 22.36 30.39
CA LEU A 103 8.75 23.58 30.07
C LEU A 103 7.26 23.30 29.87
N ILE A 104 6.87 22.05 30.03
CA ILE A 104 5.47 21.67 29.87
C ILE A 104 4.63 22.23 31.01
N ASP A 105 3.53 22.89 30.63
CA ASP A 105 2.56 23.40 31.59
C ASP A 105 1.16 23.02 31.15
N GLU A 106 0.16 23.57 31.82
CA GLU A 106 -1.24 23.25 31.55
C GLU A 106 -1.60 23.48 30.09
N SER A 107 -1.15 24.57 29.52
CA SER A 107 -1.40 24.94 28.13
C SER A 107 -0.84 23.93 27.17
N TRP A 108 0.41 23.55 27.42
CA TRP A 108 1.07 22.57 26.54
C TRP A 108 0.31 21.24 26.58
N ALA A 109 -0.01 20.78 27.78
CA ALA A 109 -0.67 19.48 27.94
C ALA A 109 -2.04 19.45 27.25
N LYS A 110 -2.81 20.49 27.45
CA LYS A 110 -4.07 20.64 26.79
C LYS A 110 -3.90 20.57 25.30
N PHE A 111 -3.01 21.37 24.74
CA PHE A 111 -2.77 21.43 23.30
C PHE A 111 -2.39 20.05 22.74
N LEU A 112 -1.44 19.38 23.39
CA LEU A 112 -0.96 18.09 22.90
C LEU A 112 -2.07 17.06 22.97
N SER A 113 -2.90 17.15 24.01
CA SER A 113 -4.03 16.24 24.16
C SER A 113 -5.07 16.49 23.07
N GLU A 114 -5.50 17.74 22.94
CA GLU A 114 -6.56 18.08 21.98
C GLU A 114 -6.15 17.80 20.54
N ASN A 115 -4.87 17.91 20.23
CA ASN A 115 -4.39 17.71 18.87
C ASN A 115 -3.82 16.31 18.62
N LYS A 116 -4.00 15.45 19.61
CA LYS A 116 -3.65 14.05 19.47
C LYS A 116 -2.19 13.77 19.11
N PHE A 117 -1.29 14.53 19.73
CA PHE A 117 0.14 14.29 19.56
C PHE A 117 0.50 13.03 20.32
N LEU A 118 1.35 12.22 19.73
CA LEU A 118 2.03 11.18 20.51
C LEU A 118 3.29 11.84 21.08
N VAL A 119 3.50 11.72 22.39
CA VAL A 119 4.60 12.45 23.03
C VAL A 119 5.62 11.46 23.57
N GLY A 120 6.91 11.77 23.43
CA GLY A 120 7.96 11.00 24.06
C GLY A 120 8.54 11.92 25.12
N LEU A 121 8.64 11.41 26.34
CA LEU A 121 9.12 12.19 27.48
C LEU A 121 10.40 11.55 27.98
N SER A 122 11.48 12.34 28.04
CA SER A 122 12.76 11.76 28.43
C SER A 122 12.94 11.68 29.94
N MET A 123 13.07 10.44 30.43
CA MET A 123 13.17 10.19 31.85
C MET A 123 14.09 9.00 31.99
N ASP A 124 15.18 9.14 32.73
CA ASP A 124 16.18 8.08 32.82
C ASP A 124 15.98 7.10 33.98
N GLY A 125 14.92 7.32 34.75
CA GLY A 125 14.67 6.46 35.91
C GLY A 125 14.27 7.32 37.09
N PRO A 126 14.34 6.77 38.28
CA PRO A 126 13.99 7.53 39.50
C PRO A 126 14.95 8.70 39.74
N LYS A 127 14.62 9.56 40.68
CA LYS A 127 15.38 10.79 40.95
C LYS A 127 16.89 10.80 40.78
N GLU A 128 17.60 10.02 41.57
N GLU A 128 17.67 10.04 41.53
CA GLU A 128 19.05 10.04 41.53
CA GLU A 128 19.15 10.05 41.51
C GLU A 128 19.64 9.53 40.23
C GLU A 128 19.74 9.54 40.21
N ILE A 129 18.99 8.58 39.60
CA ILE A 129 19.51 8.03 38.37
C ILE A 129 19.34 9.05 37.27
N HIS A 130 18.20 9.67 37.26
CA HIS A 130 17.86 10.65 36.23
C HIS A 130 18.78 11.85 36.36
N ASN A 131 18.89 12.38 37.58
CA ASN A 131 19.64 13.61 37.81
C ASN A 131 21.15 13.50 37.61
N LEU A 132 21.67 12.28 37.70
CA LEU A 132 23.11 12.05 37.52
C LEU A 132 23.60 12.66 36.21
N ASN A 133 22.80 12.51 35.16
CA ASN A 133 23.19 13.00 33.83
C ASN A 133 22.34 14.13 33.27
N ARG A 134 21.07 14.20 33.69
CA ARG A 134 20.18 15.16 33.06
C ARG A 134 20.07 16.39 33.93
N LYS A 135 20.99 17.31 33.68
CA LYS A 135 21.11 18.49 34.50
C LYS A 135 20.70 19.71 33.70
N ASP A 136 20.33 20.76 34.40
CA ASP A 136 19.98 22.00 33.72
C ASP A 136 21.23 22.82 33.39
N CYS A 137 21.04 24.02 32.84
CA CYS A 137 22.17 24.82 32.36
C CYS A 137 23.12 25.22 33.47
N CYS A 138 22.61 25.30 34.69
CA CYS A 138 23.44 25.63 35.86
C CYS A 138 23.95 24.42 36.63
N GLY A 139 23.79 23.22 36.06
CA GLY A 139 24.24 22.01 36.70
C GLY A 139 23.27 21.46 37.73
N LEU A 140 22.08 22.04 37.80
CA LEU A 140 21.12 21.61 38.81
C LEU A 140 20.18 20.49 38.34
N ASP A 141 19.31 20.03 39.24
CA ASP A 141 18.50 18.83 38.99
C ASP A 141 17.28 19.12 38.12
N THR A 142 16.79 18.10 37.41
CA THR A 142 15.65 18.29 36.53
C THR A 142 14.50 17.32 36.79
N PHE A 143 14.77 16.22 37.49
CA PHE A 143 13.81 15.13 37.64
C PHE A 143 12.41 15.58 38.09
N SER A 144 12.35 16.44 39.11
CA SER A 144 11.03 16.93 39.57
C SER A 144 10.23 17.65 38.51
N LYS A 145 10.92 18.39 37.64
CA LYS A 145 10.24 19.08 36.55
C LYS A 145 9.73 18.10 35.49
N VAL A 146 10.47 17.01 35.29
CA VAL A 146 10.05 15.97 34.35
C VAL A 146 8.87 15.18 34.93
N GLU A 147 8.92 14.87 36.23
CA GLU A 147 7.76 14.27 36.89
C GLU A 147 6.49 15.12 36.75
N ARG A 148 6.66 16.44 36.86
CA ARG A 148 5.56 17.39 36.69
C ARG A 148 4.94 17.27 35.31
N ALA A 149 5.78 17.15 34.28
CA ALA A 149 5.26 16.96 32.93
C ALA A 149 4.44 15.66 32.83
N ALA A 150 4.96 14.56 33.39
CA ALA A 150 4.23 13.29 33.32
C ALA A 150 2.89 13.44 34.03
N GLU A 151 2.91 14.12 35.17
CA GLU A 151 1.69 14.37 35.94
C GLU A 151 0.67 15.12 35.07
N LEU A 152 1.12 16.17 34.38
CA LEU A 152 0.25 16.95 33.50
C LEU A 152 -0.27 16.13 32.32
N PHE A 153 0.60 15.27 31.78
CA PHE A 153 0.18 14.39 30.70
C PHE A 153 -0.89 13.40 31.16
N LYS A 154 -0.71 12.81 32.34
CA LYS A 154 -1.74 11.89 32.86
C LYS A 154 -3.03 12.67 33.09
N LYS A 155 -2.92 13.88 33.65
CA LYS A 155 -4.10 14.67 33.96
C LYS A 155 -4.91 15.04 32.70
N TYR A 156 -4.22 15.49 31.66
CA TYR A 156 -4.86 15.87 30.40
C TYR A 156 -5.00 14.75 29.36
N LYS A 157 -4.66 13.53 29.78
CA LYS A 157 -4.81 12.33 28.95
C LYS A 157 -4.01 12.39 27.65
N VAL A 158 -2.83 13.00 27.71
CA VAL A 158 -1.88 12.94 26.60
C VAL A 158 -1.34 11.52 26.49
N GLU A 159 -1.27 10.99 25.28
CA GLU A 159 -0.67 9.68 25.09
C GLU A 159 0.85 9.86 25.04
N PHE A 160 1.58 9.21 25.96
CA PHE A 160 3.03 9.38 25.95
C PHE A 160 3.83 8.11 26.21
N ASN A 161 5.04 8.06 25.66
CA ASN A 161 6.02 7.00 25.93
C ASN A 161 7.16 7.63 26.72
N ILE A 162 7.88 6.80 27.47
CA ILE A 162 9.07 7.25 28.19
C ILE A 162 10.30 6.92 27.34
N LEU A 163 11.18 7.91 27.14
CA LEU A 163 12.45 7.63 26.47
C LEU A 163 13.56 7.67 27.52
N CYS A 164 14.19 6.52 27.73
CA CYS A 164 15.19 6.36 28.76
C CYS A 164 16.53 5.98 28.16
N VAL A 165 17.56 6.77 28.43
CA VAL A 165 18.87 6.47 27.86
C VAL A 165 19.55 5.48 28.81
N VAL A 166 20.14 4.44 28.24
CA VAL A 166 20.75 3.37 29.03
C VAL A 166 22.24 3.67 29.09
N THR A 167 22.71 4.03 30.29
CA THR A 167 24.11 4.30 30.53
C THR A 167 24.69 3.15 31.35
N SER A 168 25.98 3.24 31.67
CA SER A 168 26.55 2.22 32.55
C SER A 168 25.83 2.16 33.90
N ASN A 169 25.34 3.30 34.38
CA ASN A 169 24.62 3.36 35.67
C ASN A 169 23.27 2.65 35.58
N THR A 170 22.56 2.84 34.48
CA THR A 170 21.33 2.08 34.25
C THR A 170 21.56 0.57 34.39
N ALA A 171 22.67 0.09 33.84
CA ALA A 171 22.94 -1.37 33.88
C ALA A 171 23.09 -1.92 35.30
N ARG A 172 23.45 -1.05 36.24
CA ARG A 172 23.68 -1.44 37.63
C ARG A 172 22.42 -1.38 38.46
N HIS A 173 21.40 -0.73 37.92
CA HIS A 173 20.16 -0.49 38.68
C HIS A 173 18.90 -0.74 37.86
N VAL A 174 18.88 -1.81 37.08
CA VAL A 174 17.69 -2.13 36.30
C VAL A 174 16.45 -2.26 37.20
N ASN A 175 16.62 -2.90 38.36
CA ASN A 175 15.53 -3.03 39.33
C ASN A 175 14.91 -1.69 39.71
N LYS A 176 15.74 -0.71 40.08
CA LYS A 176 15.24 0.63 40.44
C LYS A 176 14.48 1.29 39.28
N VAL A 177 15.05 1.18 38.08
CA VAL A 177 14.48 1.85 36.92
C VAL A 177 13.14 1.23 36.50
N TYR A 178 13.12 -0.09 36.39
CA TYR A 178 11.93 -0.79 35.97
C TYR A 178 10.83 -0.58 37.01
N LYS A 179 11.20 -0.67 38.27
CA LYS A 179 10.20 -0.54 39.33
C LYS A 179 9.65 0.86 39.40
N TYR A 180 10.53 1.85 39.17
CA TYR A 180 10.08 3.23 39.18
C TYR A 180 9.04 3.43 38.07
N PHE A 181 9.32 2.96 36.88
CA PHE A 181 8.38 3.15 35.78
C PHE A 181 7.09 2.39 36.04
N LYS A 182 7.18 1.23 36.68
CA LYS A 182 5.99 0.47 37.04
C LYS A 182 5.12 1.21 38.05
N GLU A 183 5.75 1.77 39.06
CA GLU A 183 5.04 2.48 40.11
C GLU A 183 4.31 3.70 39.53
N LYS A 184 4.90 4.33 38.53
CA LYS A 184 4.29 5.49 37.88
C LYS A 184 3.24 5.08 36.86
N ASP A 185 3.09 3.77 36.65
CA ASP A 185 2.19 3.23 35.62
C ASP A 185 2.55 3.76 34.22
N PHE A 186 3.83 3.81 33.91
CA PHE A 186 4.26 4.10 32.53
C PHE A 186 4.31 2.80 31.74
N LYS A 187 3.40 2.65 30.78
CA LYS A 187 3.23 1.35 30.13
C LYS A 187 4.00 1.22 28.82
N PHE A 188 4.49 2.35 28.30
CA PHE A 188 5.19 2.40 27.01
C PHE A 188 6.59 2.97 27.21
N LEU A 189 7.58 2.09 27.14
CA LEU A 189 8.97 2.42 27.43
C LEU A 189 9.84 2.22 26.19
N GLN A 190 10.74 3.14 25.96
CA GLN A 190 11.79 2.95 24.97
CA GLN A 190 11.88 2.95 24.96
C GLN A 190 13.12 3.19 25.60
N PHE A 191 13.98 2.17 25.59
CA PHE A 191 15.32 2.26 26.16
C PHE A 191 16.35 2.42 25.05
N ILE A 192 17.03 3.56 25.04
CA ILE A 192 17.97 3.88 23.98
C ILE A 192 19.42 3.64 24.42
N ASN A 193 20.18 2.84 23.69
CA ASN A 193 21.60 2.66 24.07
C ASN A 193 22.32 4.02 24.05
N CYS A 194 23.05 4.35 25.12
CA CYS A 194 23.77 5.62 25.16
C CYS A 194 24.92 5.55 24.16
N LEU A 195 24.92 6.46 23.19
CA LEU A 195 25.98 6.51 22.20
C LEU A 195 27.11 7.43 22.64
N ASP A 196 28.35 6.99 22.46
CA ASP A 196 29.47 7.90 22.54
C ASP A 196 29.46 8.80 21.28
N PRO A 197 30.14 9.95 21.34
CA PRO A 197 30.01 10.85 20.20
C PRO A 197 30.64 10.20 18.97
N LEU A 198 30.01 10.43 17.82
CA LEU A 198 30.41 9.77 16.58
C LEU A 198 31.90 9.95 16.31
N TYR A 199 32.58 8.83 16.04
CA TYR A 199 34.01 8.77 15.64
C TYR A 199 34.99 9.10 16.77
N GLU A 200 34.49 9.29 17.98
CA GLU A 200 35.40 9.35 19.13
C GLU A 200 35.75 7.91 19.49
N GLU A 201 36.84 7.73 20.23
CA GLU A 201 37.14 6.41 20.76
C GLU A 201 36.00 6.09 21.71
N LYS A 202 35.58 4.83 21.73
CA LYS A 202 34.40 4.44 22.50
C LYS A 202 34.71 4.08 23.95
N GLY A 203 33.70 4.21 24.81
CA GLY A 203 33.82 3.74 26.19
C GLY A 203 34.72 4.58 27.08
N LYS A 204 34.79 5.87 26.85
CA LYS A 204 35.72 6.72 27.57
C LYS A 204 35.08 7.56 28.64
N TYR A 205 33.76 7.64 28.66
CA TYR A 205 33.08 8.54 29.61
C TYR A 205 32.56 7.72 30.77
N ASN A 206 32.29 8.35 31.91
CA ASN A 206 31.77 7.58 33.03
C ASN A 206 30.41 6.98 32.74
N TYR A 207 29.67 7.64 31.85
CA TYR A 207 28.35 7.13 31.45
C TYR A 207 28.39 6.08 30.34
N SER A 208 29.53 5.95 29.66
CA SER A 208 29.59 5.13 28.43
C SER A 208 29.02 3.75 28.66
N LEU A 209 28.12 3.32 27.79
CA LEU A 209 27.54 1.98 27.89
C LEU A 209 28.41 1.02 27.13
N LYS A 210 29.17 0.24 27.88
CA LYS A 210 29.98 -0.78 27.27
C LYS A 210 29.23 -2.03 26.95
N PRO A 211 29.74 -2.85 26.02
CA PRO A 211 28.94 -4.01 25.67
C PRO A 211 28.62 -4.92 26.88
N LYS A 212 29.55 -5.08 27.82
CA LYS A 212 29.26 -5.93 28.97
C LYS A 212 28.18 -5.33 29.86
N ASP A 213 28.15 -4.00 29.95
CA ASP A 213 27.09 -3.28 30.66
C ASP A 213 25.74 -3.52 29.97
N TYR A 214 25.74 -3.46 28.63
CA TYR A 214 24.49 -3.56 27.88
C TYR A 214 23.95 -4.99 28.00
N THR A 215 24.83 -5.98 27.98
CA THR A 215 24.39 -7.35 28.20
C THR A 215 23.68 -7.49 29.54
N LYS A 216 24.30 -6.96 30.58
CA LYS A 216 23.70 -7.00 31.92
C LYS A 216 22.35 -6.29 31.95
N PHE A 217 22.30 -5.10 31.35
CA PHE A 217 21.03 -4.38 31.24
C PHE A 217 19.93 -5.19 30.55
N LEU A 218 20.22 -5.72 29.36
CA LEU A 218 19.18 -6.39 28.56
C LEU A 218 18.65 -7.64 29.25
N LYS A 219 19.55 -8.48 29.77
CA LYS A 219 19.14 -9.71 30.42
C LYS A 219 18.24 -9.43 31.62
N ASN A 220 18.68 -8.51 32.47
CA ASN A 220 17.85 -8.18 33.63
C ASN A 220 16.54 -7.47 33.29
N LEU A 221 16.57 -6.57 32.31
CA LEU A 221 15.34 -5.91 31.88
C LEU A 221 14.33 -6.95 31.40
N PHE A 222 14.81 -7.86 30.55
CA PHE A 222 13.93 -8.92 30.05
C PHE A 222 13.26 -9.73 31.18
N ASP A 223 14.04 -10.07 32.20
CA ASP A 223 13.47 -10.83 33.32
C ASP A 223 12.30 -10.11 34.01
N PHE A 224 12.48 -8.82 34.31
CA PHE A 224 11.40 -8.03 34.91
C PHE A 224 10.20 -7.97 34.00
N TRP A 225 10.45 -7.75 32.71
CA TRP A 225 9.39 -7.64 31.72
C TRP A 225 8.61 -8.96 31.57
N TYR A 226 9.36 -10.06 31.51
CA TYR A 226 8.72 -11.35 31.25
C TYR A 226 7.94 -11.80 32.50
N GLU A 227 8.49 -11.52 33.68
CA GLU A 227 7.77 -11.77 34.94
C GLU A 227 6.42 -11.03 34.96
N ASP A 228 6.42 -9.76 34.57
CA ASP A 228 5.18 -9.03 34.39
C ASP A 228 4.26 -9.68 33.36
N PHE A 229 4.81 -10.09 32.21
CA PHE A 229 4.02 -10.76 31.19
C PHE A 229 3.31 -11.98 31.77
N LEU A 230 4.05 -12.82 32.50
CA LEU A 230 3.46 -14.02 33.09
C LEU A 230 2.34 -13.67 34.05
N ASN A 231 2.52 -12.57 34.78
CA ASN A 231 1.49 -12.12 35.72
C ASN A 231 0.39 -11.26 35.10
N GLY A 232 0.36 -11.15 33.77
CA GLY A 232 -0.73 -10.47 33.08
C GLY A 232 -0.60 -8.96 33.07
N ASN A 233 0.54 -8.45 33.49
CA ASN A 233 0.84 -7.01 33.38
CA ASN A 233 0.94 -7.00 33.36
C ASN A 233 1.61 -6.74 32.10
N ARG A 234 0.96 -6.17 31.10
CA ARG A 234 1.67 -6.01 29.87
C ARG A 234 2.31 -4.66 29.83
N VAL A 235 3.59 -4.70 29.57
CA VAL A 235 4.39 -3.49 29.45
C VAL A 235 4.98 -3.51 28.06
N SER A 236 4.90 -2.41 27.35
CA SER A 236 5.49 -2.32 26.01
C SER A 236 6.93 -1.79 26.13
N ILE A 237 7.89 -2.61 25.71
CA ILE A 237 9.27 -2.17 25.62
C ILE A 237 9.64 -2.24 24.14
N ARG A 238 9.95 -1.09 23.56
CA ARG A 238 10.08 -0.99 22.10
C ARG A 238 11.01 -2.02 21.48
N TYR A 239 12.18 -2.21 22.09
CA TYR A 239 13.12 -3.21 21.58
C TYR A 239 12.50 -4.62 21.57
N PHE A 240 11.81 -5.00 22.64
CA PHE A 240 11.27 -6.36 22.70
C PHE A 240 10.11 -6.46 21.72
N ASP A 241 9.31 -5.41 21.63
CA ASP A 241 8.23 -5.36 20.64
C ASP A 241 8.79 -5.56 19.23
N GLY A 242 9.90 -4.86 18.94
CA GLY A 242 10.55 -5.03 17.64
C GLY A 242 11.05 -6.44 17.37
N LEU A 243 11.63 -7.11 18.38
CA LEU A 243 12.01 -8.52 18.20
C LEU A 243 10.77 -9.38 17.91
N LEU A 244 9.67 -9.10 18.60
CA LEU A 244 8.42 -9.84 18.39
C LEU A 244 7.89 -9.67 16.97
N GLU A 245 7.95 -8.43 16.45
CA GLU A 245 7.56 -8.15 15.06
C GLU A 245 8.43 -8.94 14.09
N THR A 246 9.72 -8.94 14.35
CA THR A 246 10.66 -9.66 13.48
C THR A 246 10.40 -11.16 13.54
N ILE A 247 10.02 -11.66 14.70
CA ILE A 247 9.76 -13.09 14.86
C ILE A 247 8.47 -13.48 14.14
N LEU A 248 7.44 -12.65 14.28
CA LEU A 248 6.13 -12.97 13.70
C LEU A 248 5.93 -12.51 12.26
N LEU A 249 6.56 -11.41 11.87
CA LEU A 249 6.27 -10.77 10.59
C LEU A 249 7.47 -10.73 9.67
N GLY A 250 8.65 -11.05 10.20
CA GLY A 250 9.87 -10.97 9.42
C GLY A 250 10.42 -9.55 9.26
N LYS A 251 9.73 -8.57 9.83
CA LYS A 251 10.23 -7.21 9.76
C LYS A 251 9.83 -6.44 11.02
N SER A 252 10.54 -5.36 11.29
CA SER A 252 10.22 -4.50 12.44
C SER A 252 9.83 -3.08 11.99
N SER A 253 9.02 -2.41 12.80
CA SER A 253 8.64 -1.04 12.50
C SER A 253 9.67 -0.05 13.06
N SER A 254 10.70 -0.57 13.73
CA SER A 254 11.75 0.31 14.26
C SER A 254 12.99 0.37 13.35
N CYS A 255 13.41 1.58 13.01
CA CYS A 255 14.65 1.77 12.26
C CYS A 255 15.81 1.25 13.10
N GLY A 256 16.74 0.54 12.49
CA GLY A 256 17.88 0.01 13.24
C GLY A 256 17.68 -1.45 13.60
N MET A 257 16.50 -1.99 13.40
CA MET A 257 16.30 -3.39 13.66
C MET A 257 16.02 -4.16 12.39
N ASN A 258 16.09 -3.53 11.20
CA ASN A 258 15.82 -4.23 9.94
C ASN A 258 17.07 -4.53 9.12
N GLY A 259 18.22 -4.11 9.63
CA GLY A 259 19.50 -4.45 9.05
C GLY A 259 20.07 -3.44 8.08
N THR A 260 19.23 -2.48 7.65
CA THR A 260 19.65 -1.48 6.67
C THR A 260 18.99 -0.15 7.04
N CYS A 261 19.59 0.92 6.54
CA CYS A 261 19.17 2.28 6.87
C CYS A 261 18.00 2.76 6.01
N THR A 262 17.35 3.81 6.47
CA THR A 262 16.28 4.43 5.69
C THR A 262 16.56 5.92 5.64
N CYS A 263 15.82 6.66 4.82
CA CYS A 263 15.93 8.11 4.88
C CYS A 263 14.86 8.62 5.84
N GLN A 264 15.28 9.23 6.95
CA GLN A 264 14.34 9.67 7.99
C GLN A 264 13.82 11.10 7.72
N PHE A 265 14.36 11.73 6.67
CA PHE A 265 14.03 13.11 6.34
C PHE A 265 14.10 14.01 7.56
N VAL A 266 15.31 14.15 8.11
CA VAL A 266 15.54 15.07 9.24
C VAL A 266 15.59 16.46 8.68
N VAL A 267 14.75 17.36 9.21
CA VAL A 267 14.72 18.74 8.72
C VAL A 267 15.16 19.69 9.81
N GLU A 268 16.28 20.34 9.57
CA GLU A 268 16.76 21.36 10.51
C GLU A 268 15.98 22.66 10.34
N SER A 269 16.16 23.60 11.24
CA SER A 269 15.27 24.74 11.25
C SER A 269 15.47 25.68 10.04
N ASP A 270 16.61 25.57 9.36
CA ASP A 270 16.79 26.37 8.11
C ASP A 270 16.18 25.67 6.89
N GLY A 271 15.62 24.49 7.09
CA GLY A 271 15.03 23.71 6.01
C GLY A 271 15.96 22.67 5.41
N SER A 272 17.21 22.63 5.87
CA SER A 272 18.15 21.63 5.39
C SER A 272 17.76 20.20 5.84
N VAL A 273 18.05 19.23 4.99
CA VAL A 273 17.54 17.87 5.19
C VAL A 273 18.68 16.86 5.27
N TYR A 274 18.54 15.88 6.18
CA TYR A 274 19.55 14.86 6.45
C TYR A 274 18.87 13.50 6.50
N PRO A 275 19.65 12.41 6.27
CA PRO A 275 18.98 11.10 6.17
C PRO A 275 18.71 10.41 7.51
N CYS A 276 19.41 10.81 8.57
CA CYS A 276 19.24 10.17 9.87
C CYS A 276 19.58 11.15 10.99
N ASP A 277 18.85 11.03 12.10
CA ASP A 277 19.04 11.87 13.28
C ASP A 277 20.48 11.83 13.82
N PHE A 278 21.18 10.71 13.57
CA PHE A 278 22.56 10.54 14.05
C PHE A 278 23.56 11.16 13.10
N TYR A 279 23.08 11.63 11.95
CA TYR A 279 23.95 12.06 10.86
C TYR A 279 23.58 13.43 10.32
N VAL A 280 23.24 14.35 11.21
CA VAL A 280 23.01 15.74 10.84
C VAL A 280 24.37 16.42 10.77
N LEU A 281 25.03 16.21 9.63
CA LEU A 281 26.41 16.64 9.41
C LEU A 281 26.47 17.18 7.98
N ASP A 282 27.39 18.10 7.71
CA ASP A 282 27.50 18.68 6.36
C ASP A 282 27.66 17.64 5.26
N LYS A 283 28.38 16.56 5.54
CA LYS A 283 28.64 15.60 4.46
C LYS A 283 27.39 14.83 4.09
N TRP A 284 26.38 14.83 4.95
CA TRP A 284 25.13 14.14 4.61
C TRP A 284 23.96 15.10 4.35
N ARG A 285 24.27 16.37 4.11
CA ARG A 285 23.21 17.34 3.87
C ARG A 285 22.65 17.12 2.48
N LEU A 286 21.40 16.73 2.35
CA LEU A 286 20.83 16.28 1.08
C LEU A 286 20.40 17.44 0.19
N GLY A 287 20.05 18.56 0.82
CA GLY A 287 19.49 19.70 0.12
C GLY A 287 18.55 20.45 1.05
N ASN A 288 17.72 21.33 0.49
CA ASN A 288 16.78 22.10 1.27
C ASN A 288 15.31 21.80 0.88
N ILE A 289 14.45 21.62 1.88
CA ILE A 289 13.07 21.22 1.64
C ILE A 289 12.29 22.33 0.94
N GLN A 290 12.78 23.56 1.02
CA GLN A 290 12.14 24.64 0.28
C GLN A 290 12.36 24.57 -1.24
N ASP A 291 13.40 23.87 -1.66
CA ASP A 291 13.84 23.98 -3.06
C ASP A 291 13.93 22.63 -3.77
N MET A 292 13.58 21.55 -3.09
CA MET A 292 13.60 20.21 -3.68
C MET A 292 12.38 19.40 -3.27
N THR A 293 11.90 18.55 -4.17
CA THR A 293 10.82 17.64 -3.82
C THR A 293 11.38 16.57 -2.88
N MET A 294 10.51 15.91 -2.13
CA MET A 294 10.94 14.81 -1.28
C MET A 294 11.54 13.67 -2.08
N LYS A 295 10.99 13.42 -3.26
CA LYS A 295 11.58 12.39 -4.14
C LYS A 295 12.99 12.79 -4.59
N GLU A 296 13.18 14.05 -4.98
CA GLU A 296 14.50 14.56 -5.33
C GLU A 296 15.54 14.40 -4.19
N LEU A 297 15.13 14.74 -2.96
CA LEU A 297 16.00 14.56 -1.79
C LEU A 297 16.36 13.09 -1.61
N PHE A 298 15.34 12.24 -1.73
CA PHE A 298 15.56 10.80 -1.59
C PHE A 298 16.50 10.24 -2.67
N GLU A 299 16.43 10.79 -3.86
CA GLU A 299 17.19 10.24 -4.97
C GLU A 299 18.58 10.83 -5.13
N THR A 300 18.95 11.78 -4.26
CA THR A 300 20.30 12.33 -4.29
C THR A 300 21.35 11.24 -4.17
N ASN A 301 22.52 11.49 -4.77
CA ASN A 301 23.66 10.59 -4.62
C ASN A 301 24.02 10.45 -3.15
N LYS A 302 23.86 11.52 -2.38
CA LYS A 302 24.24 11.46 -0.96
C LYS A 302 23.34 10.51 -0.22
N ASN A 303 22.03 10.58 -0.46
CA ASN A 303 21.12 9.68 0.26
C ASN A 303 21.29 8.24 -0.20
N HIS A 304 21.47 8.06 -1.50
CA HIS A 304 21.72 6.73 -2.05
C HIS A 304 22.94 6.11 -1.38
N GLU A 305 24.00 6.90 -1.29
CA GLU A 305 25.25 6.44 -0.68
C GLU A 305 25.10 6.10 0.80
N PHE A 306 24.48 7.02 1.54
CA PHE A 306 24.16 6.78 2.95
C PHE A 306 23.46 5.42 3.18
N ILE A 307 22.39 5.18 2.43
CA ILE A 307 21.63 3.95 2.58
C ILE A 307 22.42 2.73 2.11
N LYS A 308 23.07 2.85 0.95
CA LYS A 308 23.81 1.69 0.40
C LYS A 308 24.96 1.20 1.27
N LEU A 309 25.66 2.14 1.92
CA LEU A 309 26.75 1.77 2.86
C LEU A 309 26.25 0.79 3.91
N SER A 310 24.98 0.90 4.28
CA SER A 310 24.42 0.06 5.32
C SER A 310 24.10 -1.35 4.83
N PHE A 311 24.19 -1.58 3.51
CA PHE A 311 23.87 -2.92 3.00
C PHE A 311 24.98 -3.93 3.24
N LYS A 312 26.17 -3.47 3.52
CA LYS A 312 27.27 -4.36 3.76
C LYS A 312 26.99 -5.22 5.03
N VAL A 313 27.11 -6.53 4.88
CA VAL A 313 26.92 -7.51 5.94
C VAL A 313 28.29 -7.99 6.42
N HIS A 314 28.57 -7.86 7.72
CA HIS A 314 29.83 -8.35 8.29
C HIS A 314 29.93 -9.87 8.20
N GLU A 315 31.14 -10.39 8.07
CA GLU A 315 31.37 -11.85 7.91
C GLU A 315 30.83 -12.67 9.07
N GLU A 316 31.04 -12.19 10.30
CA GLU A 316 30.47 -12.79 11.50
C GLU A 316 28.97 -12.93 11.35
N CYS A 317 28.30 -11.90 10.87
CA CYS A 317 26.86 -11.94 10.72
C CYS A 317 26.43 -13.04 9.74
N LYS A 318 27.21 -13.24 8.69
CA LYS A 318 26.86 -14.24 7.67
C LYS A 318 26.74 -15.65 8.23
N LYS A 319 27.52 -15.96 9.26
CA LYS A 319 27.51 -17.30 9.85
C LYS A 319 26.80 -17.33 11.20
N CYS A 320 26.20 -16.22 11.60
CA CYS A 320 25.56 -16.11 12.92
C CYS A 320 24.14 -16.69 12.96
N LYS A 321 23.86 -17.50 13.98
CA LYS A 321 22.54 -18.13 14.13
C LYS A 321 21.43 -17.12 14.36
N TRP A 322 21.80 -15.99 14.86
CA TRP A 322 20.83 -14.95 15.18
C TRP A 322 20.63 -13.94 14.06
N PHE A 323 21.29 -14.14 12.91
CA PHE A 323 21.23 -13.14 11.84
C PHE A 323 19.83 -12.73 11.44
N ARG A 324 18.92 -13.68 11.31
CA ARG A 324 17.59 -13.34 10.84
C ARG A 324 16.77 -12.67 11.94
N LEU A 325 17.29 -12.63 13.14
CA LEU A 325 16.63 -11.92 14.24
C LEU A 325 17.25 -10.54 14.46
N CYS A 326 18.57 -10.48 14.37
CA CYS A 326 19.33 -9.27 14.70
C CYS A 326 19.65 -8.41 13.48
N LYS A 327 20.05 -9.07 12.40
CA LYS A 327 20.34 -8.44 11.11
C LYS A 327 21.54 -7.50 11.10
N GLY A 328 22.31 -7.53 12.19
CA GLY A 328 23.51 -6.72 12.26
C GLY A 328 23.30 -5.42 13.01
N GLY A 329 22.06 -5.13 13.38
CA GLY A 329 21.75 -3.99 14.19
C GLY A 329 21.83 -2.65 13.47
N CYS A 330 21.84 -1.58 14.25
CA CYS A 330 21.82 -0.21 13.71
C CYS A 330 23.18 0.18 13.16
N ARG A 331 23.19 0.72 11.94
CA ARG A 331 24.42 1.19 11.28
C ARG A 331 25.27 2.15 12.12
N ARG A 332 24.60 2.98 12.93
CA ARG A 332 25.29 3.93 13.79
C ARG A 332 26.22 3.24 14.81
N CYS A 333 25.87 2.02 15.17
CA CYS A 333 26.68 1.22 16.10
C CYS A 333 27.72 0.36 15.38
N ARG A 334 27.81 0.53 14.06
CA ARG A 334 28.83 -0.16 13.26
C ARG A 334 29.85 0.84 12.69
N ASP A 335 29.61 2.12 12.92
CA ASP A 335 30.31 3.19 12.23
C ASP A 335 31.41 3.73 13.11
N SER A 336 32.60 3.16 12.98
CA SER A 336 33.67 3.44 13.92
C SER A 336 34.59 4.61 13.53
N LYS A 337 34.78 4.80 12.24
CA LYS A 337 35.69 5.84 11.75
C LYS A 337 35.16 6.42 10.46
N GLU A 338 35.35 7.71 10.28
CA GLU A 338 34.86 8.35 9.11
C GLU A 338 35.37 7.75 7.79
N ASP A 339 34.48 7.68 6.79
CA ASP A 339 34.84 7.22 5.45
C ASP A 339 35.37 5.80 5.36
N SER A 340 35.42 5.10 6.49
CA SER A 340 35.74 3.69 6.49
C SER A 340 34.50 2.82 6.33
N ALA A 341 34.72 1.56 5.93
CA ALA A 341 33.64 0.60 5.83
C ALA A 341 33.07 0.36 7.24
N LEU A 342 31.80 0.03 7.32
CA LEU A 342 31.19 -0.31 8.59
C LEU A 342 31.88 -1.50 9.13
N GLU A 343 31.94 -1.61 10.44
CA GLU A 343 32.37 -2.84 11.03
C GLU A 343 31.32 -3.55 11.87
N LEU A 344 31.75 -4.60 12.55
CA LEU A 344 30.84 -5.40 13.33
C LEU A 344 30.17 -4.51 14.38
N ASN A 345 28.88 -4.68 14.61
CA ASN A 345 28.16 -3.92 15.61
C ASN A 345 28.89 -3.92 16.93
N TYR A 346 29.04 -2.73 17.52
CA TYR A 346 29.68 -2.59 18.83
C TYR A 346 29.03 -3.49 19.87
N TYR A 347 27.74 -3.74 19.72
CA TYR A 347 26.98 -4.51 20.72
C TYR A 347 26.73 -5.96 20.32
N CYS A 348 27.48 -6.42 19.33
CA CYS A 348 27.29 -7.77 18.79
C CYS A 348 27.31 -8.80 19.92
N GLN A 349 28.29 -8.67 20.81
CA GLN A 349 28.44 -9.67 21.87
C GLN A 349 27.24 -9.59 22.82
N SER A 350 26.73 -8.38 23.06
CA SER A 350 25.58 -8.18 23.93
C SER A 350 24.34 -8.84 23.35
N TYR A 351 24.13 -8.67 22.03
CA TYR A 351 23.00 -9.30 21.38
C TYR A 351 23.05 -10.81 21.46
N LYS A 352 24.20 -11.38 21.13
CA LYS A 352 24.37 -12.84 21.16
C LYS A 352 24.07 -13.39 22.54
N GLU A 353 24.69 -12.82 23.55
CA GLU A 353 24.48 -13.29 24.93
C GLU A 353 23.05 -13.07 25.39
N PHE A 354 22.46 -11.92 25.03
CA PHE A 354 21.04 -11.68 25.32
C PHE A 354 20.09 -12.68 24.64
N PHE A 355 20.32 -12.97 23.36
CA PHE A 355 19.49 -13.94 22.64
C PHE A 355 19.57 -15.34 23.26
N GLU A 356 20.77 -15.76 23.60
CA GLU A 356 20.92 -17.05 24.26
C GLU A 356 20.12 -17.12 25.56
N TYR A 357 20.03 -15.99 26.26
CA TYR A 357 19.31 -15.90 27.54
C TYR A 357 17.80 -15.79 27.39
N ALA A 358 17.36 -15.09 26.35
CA ALA A 358 15.96 -14.67 26.24
C ALA A 358 15.12 -15.32 25.14
N PHE A 359 15.76 -15.82 24.09
CA PHE A 359 15.04 -16.37 22.93
C PHE A 359 13.95 -17.39 23.32
N PRO A 360 14.27 -18.37 24.20
CA PRO A 360 13.21 -19.33 24.55
C PRO A 360 11.94 -18.66 25.10
N ARG A 361 12.11 -17.65 25.94
CA ARG A 361 10.97 -16.93 26.49
C ARG A 361 10.36 -15.94 25.48
N LEU A 362 11.16 -15.42 24.59
CA LEU A 362 10.64 -14.56 23.57
C LEU A 362 9.70 -15.31 22.65
N ILE A 363 10.01 -16.54 22.36
CA ILE A 363 9.16 -17.39 21.51
C ILE A 363 7.83 -17.66 22.23
N ASN A 364 7.93 -17.95 23.52
CA ASN A 364 6.75 -18.16 24.33
C ASN A 364 5.79 -16.98 24.26
N VAL A 365 6.31 -15.76 24.41
CA VAL A 365 5.49 -14.57 24.25
C VAL A 365 4.88 -14.47 22.85
N ALA A 366 5.69 -14.67 21.82
CA ALA A 366 5.22 -14.59 20.45
C ALA A 366 4.08 -15.56 20.16
N ASN A 367 4.20 -16.78 20.71
CA ASN A 367 3.16 -17.79 20.54
C ASN A 367 1.85 -17.36 21.18
N ASN A 368 1.95 -16.63 22.28
CA ASN A 368 0.77 -16.20 23.05
C ASN A 368 0.09 -14.97 22.49
N ILE A 369 0.83 -14.15 21.75
CA ILE A 369 0.21 -12.99 21.11
C ILE A 369 -0.10 -13.30 19.63
N LYS A 370 0.12 -14.59 19.30
CA LYS A 370 -0.26 -15.25 18.03
C LYS A 370 0.86 -15.34 17.00
N PRO B 2 -26.31 -10.49 -37.19
CA PRO B 2 -27.60 -10.01 -36.69
C PRO B 2 -27.43 -8.83 -35.74
N PRO B 3 -27.47 -9.11 -34.43
CA PRO B 3 -27.33 -8.05 -33.42
C PRO B 3 -25.92 -7.47 -33.40
N LEU B 4 -25.72 -6.41 -32.63
CA LEU B 4 -24.42 -5.76 -32.54
C LEU B 4 -24.07 -5.48 -31.09
N SER B 5 -22.82 -5.71 -30.74
CA SER B 5 -22.36 -5.39 -29.39
C SER B 5 -21.21 -4.39 -29.51
N LEU B 6 -21.23 -3.32 -28.74
CA LEU B 6 -20.12 -2.39 -28.69
C LEU B 6 -19.51 -2.23 -27.32
N LEU B 7 -18.23 -1.97 -27.27
CA LEU B 7 -17.51 -1.68 -26.03
C LEU B 7 -17.07 -0.18 -26.08
N ILE B 8 -17.68 0.66 -25.29
CA ILE B 8 -17.45 2.10 -25.44
C ILE B 8 -16.63 2.67 -24.27
N LYS B 9 -15.73 3.62 -24.56
CA LYS B 9 -14.96 4.27 -23.48
C LYS B 9 -15.30 5.76 -23.46
N PRO B 10 -16.42 6.11 -22.80
CA PRO B 10 -16.95 7.48 -22.88
C PRO B 10 -16.03 8.55 -22.26
N ALA B 11 -15.16 8.15 -21.34
CA ALA B 11 -14.18 9.05 -20.72
C ALA B 11 -12.78 8.59 -21.13
N SER B 12 -12.72 7.84 -22.23
CA SER B 12 -11.46 7.31 -22.74
C SER B 12 -10.77 6.49 -21.63
N SER B 13 -9.47 6.70 -21.45
CA SER B 13 -8.72 5.99 -20.39
C SER B 13 -8.64 6.77 -19.07
N GLY B 14 -9.32 7.91 -18.99
CA GLY B 14 -9.34 8.70 -17.77
C GLY B 14 -9.84 7.90 -16.58
N CYS B 15 -9.19 8.05 -15.42
CA CYS B 15 -9.60 7.34 -14.22
C CYS B 15 -9.19 8.09 -12.95
N ASN B 16 -9.97 7.93 -11.89
CA ASN B 16 -9.68 8.59 -10.61
C ASN B 16 -8.85 7.73 -9.67
N LEU B 17 -8.63 6.46 -10.02
CA LEU B 17 -7.79 5.58 -9.21
C LEU B 17 -6.47 5.29 -9.90
N LYS B 18 -5.57 4.59 -9.20
CA LYS B 18 -4.36 4.16 -9.83
C LYS B 18 -3.96 2.77 -9.42
N CYS B 19 -4.74 1.83 -9.88
CA CYS B 19 -4.56 0.44 -9.48
C CYS B 19 -3.20 -0.06 -9.96
N THR B 20 -2.48 -0.72 -9.07
CA THR B 20 -1.11 -1.12 -9.36
C THR B 20 -0.97 -1.79 -10.72
N TYR B 21 -1.81 -2.77 -10.99
CA TYR B 21 -1.68 -3.58 -12.19
C TYR B 21 -2.33 -3.00 -13.43
N CYS B 22 -3.09 -1.92 -13.28
CA CYS B 22 -3.79 -1.39 -14.44
C CYS B 22 -2.92 -0.60 -15.38
N PHE B 23 -2.93 -1.02 -16.63
CA PHE B 23 -2.28 -0.30 -17.70
C PHE B 23 -3.29 0.48 -18.57
N TYR B 24 -4.59 0.35 -18.28
CA TYR B 24 -5.64 0.96 -19.11
C TYR B 24 -5.99 2.40 -18.71
N HIS B 25 -5.22 3.06 -17.87
CA HIS B 25 -5.64 4.39 -17.38
C HIS B 25 -4.58 5.47 -17.64
N SER B 26 -5.02 6.72 -17.79
CA SER B 26 -4.18 7.83 -18.27
C SER B 26 -2.90 8.01 -17.46
N VAL B 33 -0.13 5.65 -22.76
CA VAL B 33 -1.58 5.52 -22.92
C VAL B 33 -2.26 6.88 -23.11
N LYS B 34 -2.88 7.04 -24.28
CA LYS B 34 -3.51 8.30 -24.65
C LYS B 34 -4.92 8.40 -24.08
N SER B 35 -5.32 9.61 -23.66
CA SER B 35 -6.73 9.86 -23.37
C SER B 35 -7.36 10.82 -24.39
N TYR B 36 -8.43 10.37 -25.04
CA TYR B 36 -9.14 11.20 -26.00
C TYR B 36 -10.23 12.05 -25.35
N GLY B 37 -10.19 12.13 -24.01
CA GLY B 37 -11.15 12.95 -23.27
C GLY B 37 -12.52 12.32 -23.12
N ILE B 38 -13.54 13.18 -23.01
CA ILE B 38 -14.90 12.71 -22.93
C ILE B 38 -15.53 12.72 -24.31
N MET B 39 -16.16 11.61 -24.69
CA MET B 39 -16.83 11.53 -25.99
C MET B 39 -17.79 12.69 -26.18
N ARG B 40 -17.58 13.48 -27.24
CA ARG B 40 -18.46 14.60 -27.59
C ARG B 40 -19.87 14.14 -27.99
N ASP B 41 -20.86 15.00 -27.80
CA ASP B 41 -22.25 14.70 -28.14
C ASP B 41 -22.45 14.18 -29.57
N GLU B 42 -21.78 14.79 -30.54
CA GLU B 42 -22.01 14.41 -31.94
C GLU B 42 -21.51 13.00 -32.22
N VAL B 43 -20.45 12.58 -31.53
CA VAL B 43 -19.92 11.22 -31.67
C VAL B 43 -20.88 10.24 -31.05
N LEU B 44 -21.35 10.57 -29.85
CA LEU B 44 -22.32 9.74 -29.14
C LEU B 44 -23.52 9.54 -30.03
N GLU B 45 -23.99 10.60 -30.64
CA GLU B 45 -25.22 10.47 -31.39
C GLU B 45 -24.99 9.67 -32.67
N SER B 46 -23.88 9.92 -33.34
CA SER B 46 -23.63 9.13 -34.55
C SER B 46 -23.60 7.66 -34.20
N MET B 47 -22.86 7.31 -33.16
CA MET B 47 -22.74 5.90 -32.78
C MET B 47 -24.08 5.29 -32.43
N VAL B 48 -24.88 6.01 -31.65
CA VAL B 48 -26.19 5.50 -31.25
C VAL B 48 -27.10 5.31 -32.46
N LYS B 49 -27.15 6.29 -33.35
CA LYS B 49 -27.97 6.22 -34.54
C LYS B 49 -27.53 5.05 -35.41
N ARG B 50 -26.24 4.91 -35.63
CA ARG B 50 -25.72 3.86 -36.46
C ARG B 50 -26.11 2.48 -35.97
N VAL B 51 -25.81 2.20 -34.71
CA VAL B 51 -26.06 0.89 -34.14
C VAL B 51 -27.54 0.53 -34.12
N LEU B 52 -28.38 1.51 -33.79
CA LEU B 52 -29.82 1.27 -33.76
C LEU B 52 -30.40 1.12 -35.17
N ASN B 53 -29.69 1.67 -36.15
CA ASN B 53 -30.07 1.54 -37.55
C ASN B 53 -29.66 0.18 -38.10
N GLU B 54 -28.48 -0.29 -37.75
CA GLU B 54 -27.89 -1.45 -38.36
C GLU B 54 -28.10 -2.81 -37.68
N ALA B 55 -28.31 -2.79 -36.40
CA ALA B 55 -28.43 -4.05 -35.67
C ALA B 55 -29.75 -4.77 -36.00
N ASN B 56 -29.69 -6.10 -36.04
CA ASN B 56 -30.90 -6.92 -36.13
C ASN B 56 -31.30 -7.49 -34.78
N GLY B 57 -32.55 -7.27 -34.38
CA GLY B 57 -33.07 -7.94 -33.20
C GLY B 57 -32.76 -7.21 -31.92
N HIS B 58 -31.49 -7.19 -31.54
CA HIS B 58 -31.09 -6.48 -30.34
C HIS B 58 -29.67 -5.94 -30.46
N CYS B 59 -29.26 -5.12 -29.50
CA CYS B 59 -27.93 -4.54 -29.50
C CYS B 59 -27.45 -4.28 -28.08
N SER B 60 -26.17 -4.05 -27.89
N SER B 60 -26.17 -4.03 -27.90
CA SER B 60 -25.62 -3.90 -26.57
CA SER B 60 -25.63 -3.89 -26.58
C SER B 60 -24.47 -2.91 -26.60
C SER B 60 -24.47 -2.91 -26.60
N PHE B 61 -24.57 -1.93 -25.75
CA PHE B 61 -23.77 -0.75 -25.40
C PHE B 61 -23.13 -0.90 -24.04
N ALA B 62 -21.90 -1.41 -24.02
CA ALA B 62 -21.16 -1.60 -22.76
C ALA B 62 -20.15 -0.47 -22.53
N PHE B 63 -20.23 0.18 -21.38
CA PHE B 63 -19.40 1.35 -21.12
C PHE B 63 -18.31 1.00 -20.14
N GLN B 64 -17.07 1.27 -20.55
CA GLN B 64 -15.90 0.85 -19.79
C GLN B 64 -14.87 1.97 -19.89
N GLY B 65 -13.57 1.64 -19.89
CA GLY B 65 -12.54 2.67 -19.85
C GLY B 65 -11.23 2.13 -19.32
N GLY B 66 -10.50 2.88 -18.48
CA GLY B 66 -10.95 4.15 -17.92
C GLY B 66 -11.99 3.95 -16.85
N GLU B 67 -12.45 5.04 -16.22
CA GLU B 67 -13.61 4.97 -15.33
C GLU B 67 -14.78 5.67 -15.99
N PRO B 68 -15.74 4.89 -16.50
CA PRO B 68 -16.75 5.52 -17.36
C PRO B 68 -17.66 6.48 -16.61
N THR B 69 -17.80 6.34 -15.29
CA THR B 69 -18.61 7.31 -14.56
C THR B 69 -18.02 8.73 -14.59
N LEU B 70 -16.79 8.86 -15.04
CA LEU B 70 -16.14 10.15 -15.22
C LEU B 70 -16.82 10.99 -16.26
N ALA B 71 -17.53 10.35 -17.16
CA ALA B 71 -18.24 11.08 -18.22
C ALA B 71 -19.39 11.87 -17.61
N GLY B 72 -19.82 11.48 -16.43
CA GLY B 72 -20.87 12.17 -15.71
C GLY B 72 -22.26 11.58 -15.95
N LEU B 73 -23.16 11.75 -15.00
CA LEU B 73 -24.51 11.21 -15.09
C LEU B 73 -25.23 11.79 -16.29
N GLU B 74 -24.88 13.02 -16.62
CA GLU B 74 -25.52 13.73 -17.70
C GLU B 74 -25.27 13.04 -19.05
N PHE B 75 -24.08 12.53 -19.18
CA PHE B 75 -23.73 11.82 -20.41
C PHE B 75 -24.66 10.62 -20.59
N PHE B 76 -24.85 9.90 -19.50
CA PHE B 76 -25.70 8.72 -19.56
C PHE B 76 -27.19 9.08 -19.68
N GLU B 77 -27.56 10.19 -19.13
CA GLU B 77 -28.90 10.65 -19.36
C GLU B 77 -29.11 10.99 -20.88
N LYS B 78 -28.16 11.67 -21.52
CA LYS B 78 -28.24 11.97 -22.94
C LYS B 78 -28.18 10.69 -23.79
N LEU B 79 -27.44 9.70 -23.34
CA LEU B 79 -27.44 8.42 -24.04
C LEU B 79 -28.84 7.86 -24.09
N MET B 80 -29.51 7.86 -22.96
CA MET B 80 -30.84 7.36 -22.84
C MET B 80 -31.83 8.11 -23.75
N GLU B 81 -31.75 9.43 -23.77
CA GLU B 81 -32.62 10.23 -24.64
C GLU B 81 -32.33 9.93 -26.13
N LEU B 82 -31.07 9.76 -26.52
CA LEU B 82 -30.74 9.40 -27.90
C LEU B 82 -31.24 7.99 -28.28
N GLN B 83 -31.13 7.03 -27.37
CA GLN B 83 -31.69 5.70 -27.64
C GLN B 83 -33.20 5.76 -27.87
N ARG B 84 -33.92 6.53 -27.08
CA ARG B 84 -35.35 6.66 -27.32
C ARG B 84 -35.58 7.32 -28.67
N LYS B 85 -34.80 8.33 -28.97
CA LYS B 85 -34.95 9.12 -30.19
C LYS B 85 -34.75 8.29 -31.46
N HIS B 86 -33.73 7.46 -31.45
CA HIS B 86 -33.26 6.82 -32.68
C HIS B 86 -33.52 5.32 -32.78
N ASN B 87 -34.38 4.78 -31.92
CA ASN B 87 -34.66 3.34 -31.96
C ASN B 87 -35.89 3.10 -32.85
N TYR B 88 -35.74 3.37 -34.14
CA TYR B 88 -36.87 3.35 -35.09
C TYR B 88 -37.34 1.93 -35.38
N LYS B 89 -36.50 0.94 -35.09
CA LYS B 89 -36.82 -0.45 -35.34
C LYS B 89 -37.29 -1.15 -34.08
N ASN B 90 -37.40 -0.40 -32.99
CA ASN B 90 -37.83 -0.94 -31.70
C ASN B 90 -37.01 -2.15 -31.31
N LEU B 91 -35.71 -2.05 -31.48
CA LEU B 91 -34.77 -3.06 -30.98
C LEU B 91 -34.82 -3.17 -29.48
N LYS B 92 -34.53 -4.38 -28.97
CA LYS B 92 -34.20 -4.55 -27.56
C LYS B 92 -32.79 -4.02 -27.35
N ILE B 93 -32.61 -3.16 -26.37
CA ILE B 93 -31.31 -2.54 -26.13
C ILE B 93 -30.79 -2.96 -24.77
N TYR B 94 -29.58 -3.53 -24.75
CA TYR B 94 -28.91 -3.89 -23.50
C TYR B 94 -27.83 -2.87 -23.16
N ASN B 95 -27.94 -2.23 -22.00
CA ASN B 95 -26.92 -1.28 -21.58
C ASN B 95 -26.17 -1.83 -20.39
N SER B 96 -24.86 -1.61 -20.36
CA SER B 96 -24.07 -2.05 -19.22
C SER B 96 -22.96 -1.07 -18.90
N LEU B 97 -22.44 -1.17 -17.68
CA LEU B 97 -21.48 -0.22 -17.19
C LEU B 97 -20.49 -0.98 -16.33
N GLN B 98 -19.20 -0.80 -16.61
CA GLN B 98 -18.15 -1.45 -15.84
C GLN B 98 -17.49 -0.35 -15.02
N THR B 99 -17.61 -0.40 -13.69
CA THR B 99 -17.17 0.72 -12.86
C THR B 99 -16.31 0.32 -11.68
N ASN B 100 -15.44 1.22 -11.23
CA ASN B 100 -14.73 1.00 -9.97
C ASN B 100 -15.63 1.27 -8.76
N GLY B 101 -16.82 1.82 -9.02
CA GLY B 101 -17.78 2.05 -7.95
C GLY B 101 -17.52 3.23 -6.99
N THR B 102 -16.33 3.81 -7.03
CA THR B 102 -15.97 4.87 -6.05
C THR B 102 -16.75 6.18 -6.19
N LEU B 103 -17.35 6.42 -7.36
CA LEU B 103 -18.11 7.64 -7.56
C LEU B 103 -19.60 7.33 -7.59
N ILE B 104 -19.94 6.06 -7.39
CA ILE B 104 -21.34 5.66 -7.41
C ILE B 104 -22.03 6.20 -6.17
N ASP B 105 -23.15 6.88 -6.38
CA ASP B 105 -23.97 7.35 -5.27
C ASP B 105 -25.43 7.03 -5.49
N GLU B 106 -26.30 7.57 -4.67
CA GLU B 106 -27.70 7.33 -4.80
C GLU B 106 -28.26 7.78 -6.16
N SER B 107 -27.81 8.90 -6.70
CA SER B 107 -28.28 9.30 -8.03
C SER B 107 -27.88 8.30 -9.12
N TRP B 108 -26.63 7.84 -9.10
CA TRP B 108 -26.19 6.82 -10.05
C TRP B 108 -27.00 5.53 -9.91
N ALA B 109 -27.16 5.04 -8.68
CA ALA B 109 -27.88 3.77 -8.48
C ALA B 109 -29.32 3.88 -8.96
N LYS B 110 -29.98 4.99 -8.72
CA LYS B 110 -31.36 5.16 -9.20
C LYS B 110 -31.38 5.15 -10.74
N PHE B 111 -30.47 5.89 -11.33
CA PHE B 111 -30.44 5.92 -12.80
C PHE B 111 -30.20 4.50 -13.35
N LEU B 112 -29.24 3.82 -12.77
CA LEU B 112 -28.86 2.49 -13.26
C LEU B 112 -29.99 1.50 -13.10
N SER B 113 -30.77 1.63 -12.02
CA SER B 113 -31.92 0.75 -11.81
C SER B 113 -33.06 1.08 -12.76
N GLU B 114 -33.43 2.34 -12.82
CA GLU B 114 -34.52 2.77 -13.65
C GLU B 114 -34.25 2.38 -15.11
N ASN B 115 -33.02 2.47 -15.59
CA ASN B 115 -32.70 2.21 -16.99
C ASN B 115 -32.15 0.82 -17.21
N LYS B 116 -32.28 -0.02 -16.19
CA LYS B 116 -32.03 -1.44 -16.31
C LYS B 116 -30.63 -1.78 -16.82
N PHE B 117 -29.62 -1.01 -16.41
CA PHE B 117 -28.24 -1.33 -16.73
C PHE B 117 -27.79 -2.57 -15.96
N LEU B 118 -26.99 -3.37 -16.62
CA LEU B 118 -26.26 -4.40 -15.93
C LEU B 118 -24.98 -3.73 -15.52
N VAL B 119 -24.51 -3.97 -14.30
CA VAL B 119 -23.30 -3.30 -13.87
C VAL B 119 -22.22 -4.32 -13.54
N GLY B 120 -21.00 -4.09 -14.02
CA GLY B 120 -19.85 -4.81 -13.52
C GLY B 120 -19.10 -3.94 -12.50
N LEU B 121 -18.87 -4.48 -11.32
CA LEU B 121 -18.28 -3.72 -10.21
C LEU B 121 -16.97 -4.39 -9.83
N SER B 122 -15.89 -3.62 -9.92
CA SER B 122 -14.57 -4.17 -9.71
C SER B 122 -14.20 -4.26 -8.23
N MET B 123 -14.05 -5.48 -7.75
CA MET B 123 -13.79 -5.77 -6.35
C MET B 123 -12.83 -6.96 -6.32
N ASP B 124 -11.72 -6.84 -5.63
CA ASP B 124 -10.64 -7.82 -5.76
C ASP B 124 -10.64 -8.83 -4.61
N GLY B 125 -11.61 -8.68 -3.71
CA GLY B 125 -11.76 -9.55 -2.56
C GLY B 125 -12.07 -8.74 -1.31
N PRO B 126 -11.81 -9.31 -0.12
CA PRO B 126 -12.05 -8.56 1.12
C PRO B 126 -11.05 -7.40 1.28
N LYS B 127 -11.30 -6.56 2.29
CA LYS B 127 -10.60 -5.28 2.49
C LYS B 127 -9.11 -5.27 2.16
N GLU B 128 -8.41 -6.10 2.88
CA GLU B 128 -7.01 -6.06 2.84
C GLU B 128 -6.49 -6.42 1.51
N ILE B 129 -7.19 -7.32 0.82
CA ILE B 129 -6.64 -7.83 -0.40
C ILE B 129 -7.02 -6.95 -1.60
N HIS B 130 -8.17 -6.32 -1.51
CA HIS B 130 -8.62 -5.25 -2.43
C HIS B 130 -7.74 -4.00 -2.34
N ASN B 131 -7.57 -3.47 -1.13
CA ASN B 131 -6.79 -2.24 -0.95
C ASN B 131 -5.31 -2.39 -1.26
N LEU B 132 -4.83 -3.62 -1.37
CA LEU B 132 -3.44 -3.86 -1.69
C LEU B 132 -3.08 -3.24 -2.99
N ASN B 133 -3.91 -3.46 -3.97
CA ASN B 133 -3.63 -2.99 -5.32
C ASN B 133 -4.52 -1.85 -5.77
N ARG B 134 -5.68 -1.67 -5.15
CA ARG B 134 -6.64 -0.68 -5.67
C ARG B 134 -6.77 0.53 -4.79
N LYS B 135 -5.86 1.47 -5.04
CA LYS B 135 -5.78 2.70 -4.27
C LYS B 135 -6.17 3.90 -5.14
N ASP B 136 -6.60 4.98 -4.52
CA ASP B 136 -6.84 6.12 -5.39
C ASP B 136 -5.57 6.92 -5.68
N CYS B 137 -5.69 8.04 -6.39
CA CYS B 137 -4.51 8.78 -6.80
C CYS B 137 -3.81 9.47 -5.64
N CYS B 138 -4.46 9.48 -4.49
CA CYS B 138 -3.86 10.04 -3.27
C CYS B 138 -3.33 8.95 -2.36
N GLY B 139 -3.34 7.71 -2.88
CA GLY B 139 -2.84 6.54 -2.18
C GLY B 139 -3.76 6.02 -1.10
N LEU B 140 -5.03 6.42 -1.17
CA LEU B 140 -5.99 6.06 -0.14
C LEU B 140 -6.78 4.78 -0.50
N ASP B 141 -7.18 4.05 0.53
CA ASP B 141 -8.02 2.85 0.38
C ASP B 141 -9.30 3.14 -0.40
N THR B 142 -9.80 2.13 -1.12
CA THR B 142 -11.05 2.26 -1.87
C THR B 142 -12.14 1.24 -1.48
N PHE B 143 -11.79 0.20 -0.76
CA PHE B 143 -12.74 -0.85 -0.34
C PHE B 143 -14.10 -0.41 0.11
N SER B 144 -14.16 0.45 1.11
CA SER B 144 -15.41 0.77 1.74
C SER B 144 -16.35 1.46 0.77
N LYS B 145 -15.76 2.29 -0.07
CA LYS B 145 -16.46 3.01 -1.12
C LYS B 145 -17.05 2.06 -2.18
N VAL B 146 -16.32 1.01 -2.52
CA VAL B 146 -16.82 0.00 -3.45
C VAL B 146 -17.90 -0.84 -2.79
N GLU B 147 -17.75 -1.12 -1.52
CA GLU B 147 -18.76 -1.86 -0.83
C GLU B 147 -20.05 -1.04 -0.72
N ARG B 148 -19.93 0.27 -0.56
CA ARG B 148 -21.08 1.11 -0.49
C ARG B 148 -21.86 1.08 -1.79
N ALA B 149 -21.14 1.19 -2.92
CA ALA B 149 -21.69 0.97 -4.25
C ALA B 149 -22.50 -0.33 -4.34
N ALA B 150 -21.93 -1.42 -3.82
CA ALA B 150 -22.61 -2.71 -3.88
C ALA B 150 -23.90 -2.67 -3.08
N GLU B 151 -23.85 -1.99 -1.93
CA GLU B 151 -25.03 -1.89 -1.06
C GLU B 151 -26.06 -1.00 -1.68
N LEU B 152 -25.60 0.06 -2.30
CA LEU B 152 -26.53 0.90 -3.10
C LEU B 152 -27.19 0.08 -4.22
N PHE B 153 -26.39 -0.76 -4.89
CA PHE B 153 -26.94 -1.58 -5.97
C PHE B 153 -28.00 -2.55 -5.43
N LYS B 154 -27.73 -3.19 -4.31
CA LYS B 154 -28.69 -4.06 -3.71
C LYS B 154 -29.98 -3.31 -3.28
N LYS B 155 -29.79 -2.17 -2.67
CA LYS B 155 -30.92 -1.37 -2.21
C LYS B 155 -31.79 -0.86 -3.36
N TYR B 156 -31.17 -0.35 -4.41
CA TYR B 156 -31.92 0.18 -5.54
C TYR B 156 -32.25 -0.85 -6.60
N LYS B 157 -31.98 -2.11 -6.27
CA LYS B 157 -32.13 -3.28 -7.12
C LYS B 157 -31.48 -3.21 -8.48
N VAL B 158 -30.23 -2.78 -8.48
CA VAL B 158 -29.40 -2.81 -9.68
C VAL B 158 -28.77 -4.19 -9.81
N GLU B 159 -28.90 -4.80 -10.99
CA GLU B 159 -28.22 -6.08 -11.23
C GLU B 159 -26.73 -5.84 -11.46
N PHE B 160 -25.91 -6.57 -10.74
CA PHE B 160 -24.47 -6.43 -10.90
C PHE B 160 -23.69 -7.73 -10.76
N ASN B 161 -22.56 -7.78 -11.46
CA ASN B 161 -21.59 -8.84 -11.28
C ASN B 161 -20.37 -8.22 -10.63
N ILE B 162 -19.56 -9.07 -10.01
CA ILE B 162 -18.28 -8.64 -9.48
C ILE B 162 -17.20 -9.01 -10.48
N LEU B 163 -16.34 -8.06 -10.80
CA LEU B 163 -15.16 -8.33 -11.61
C LEU B 163 -13.92 -8.28 -10.71
N CYS B 164 -13.27 -9.43 -10.58
CA CYS B 164 -12.14 -9.60 -9.67
C CYS B 164 -10.88 -9.93 -10.45
N VAL B 165 -9.85 -9.13 -10.25
CA VAL B 165 -8.58 -9.39 -10.93
C VAL B 165 -7.81 -10.48 -10.18
N VAL B 166 -7.25 -11.44 -10.91
CA VAL B 166 -6.52 -12.54 -10.28
C VAL B 166 -5.02 -12.30 -10.35
N THR B 167 -4.44 -11.95 -9.20
CA THR B 167 -3.00 -11.77 -9.13
C THR B 167 -2.38 -12.94 -8.38
N SER B 168 -1.06 -12.94 -8.24
CA SER B 168 -0.38 -13.94 -7.44
C SER B 168 -0.99 -14.03 -6.05
N ASN B 169 -1.37 -12.88 -5.49
CA ASN B 169 -1.96 -12.84 -4.17
C ASN B 169 -3.36 -13.48 -4.14
N THR B 170 -4.11 -13.32 -5.21
CA THR B 170 -5.41 -13.98 -5.32
C THR B 170 -5.22 -15.52 -5.23
N ALA B 171 -4.25 -16.03 -5.97
CA ALA B 171 -4.04 -17.46 -6.08
C ALA B 171 -3.64 -18.07 -4.73
N ARG B 172 -3.08 -17.23 -3.90
CA ARG B 172 -2.63 -17.60 -2.57
C ARG B 172 -3.70 -17.57 -1.54
N HIS B 173 -4.81 -16.91 -1.87
CA HIS B 173 -5.89 -16.67 -0.92
C HIS B 173 -7.27 -16.89 -1.54
N VAL B 174 -7.43 -17.95 -2.32
CA VAL B 174 -8.71 -18.25 -2.93
C VAL B 174 -9.81 -18.34 -1.87
N ASN B 175 -9.51 -19.01 -0.77
CA ASN B 175 -10.49 -19.22 0.28
C ASN B 175 -11.05 -17.90 0.82
N LYS B 176 -10.19 -16.93 1.06
CA LYS B 176 -10.60 -15.61 1.56
C LYS B 176 -11.49 -14.86 0.59
N VAL B 177 -11.09 -14.88 -0.63
CA VAL B 177 -11.84 -14.18 -1.68
C VAL B 177 -13.23 -14.79 -1.87
N TYR B 178 -13.27 -16.12 -2.04
CA TYR B 178 -14.53 -16.77 -2.32
C TYR B 178 -15.47 -16.62 -1.13
N LYS B 179 -14.94 -16.77 0.10
CA LYS B 179 -15.76 -16.68 1.31
C LYS B 179 -16.29 -15.26 1.51
N TYR B 180 -15.49 -14.27 1.15
CA TYR B 180 -15.95 -12.89 1.30
C TYR B 180 -17.14 -12.67 0.38
N PHE B 181 -17.00 -13.09 -0.88
CA PHE B 181 -18.05 -12.84 -1.87
C PHE B 181 -19.32 -13.59 -1.47
N LYS B 182 -19.18 -14.77 -0.93
CA LYS B 182 -20.30 -15.53 -0.48
C LYS B 182 -20.99 -14.86 0.71
N GLU B 183 -20.24 -14.28 1.61
CA GLU B 183 -20.83 -13.58 2.75
C GLU B 183 -21.64 -12.35 2.33
N LYS B 184 -21.20 -11.69 1.26
CA LYS B 184 -21.85 -10.53 0.72
C LYS B 184 -23.03 -10.91 -0.16
N ASP B 185 -23.20 -12.18 -0.41
CA ASP B 185 -24.22 -12.68 -1.33
C ASP B 185 -24.04 -12.17 -2.77
N PHE B 186 -22.79 -12.15 -3.23
CA PHE B 186 -22.51 -11.79 -4.62
C PHE B 186 -22.58 -13.07 -5.43
N LYS B 187 -23.64 -13.23 -6.23
CA LYS B 187 -23.91 -14.50 -6.93
C LYS B 187 -23.29 -14.63 -8.31
N PHE B 188 -22.85 -13.50 -8.86
CA PHE B 188 -22.27 -13.47 -10.20
C PHE B 188 -20.85 -12.90 -10.17
N LEU B 189 -19.88 -13.77 -10.43
CA LEU B 189 -18.47 -13.43 -10.31
C LEU B 189 -17.79 -13.62 -11.66
N GLN B 190 -16.88 -12.73 -11.99
CA GLN B 190 -16.00 -12.88 -13.15
C GLN B 190 -14.59 -12.67 -12.67
N PHE B 191 -13.72 -13.65 -12.91
CA PHE B 191 -12.33 -13.53 -12.49
C PHE B 191 -11.48 -13.27 -13.71
N ILE B 192 -10.72 -12.18 -13.70
CA ILE B 192 -9.91 -11.83 -14.84
C ILE B 192 -8.43 -12.03 -14.56
N ASN B 193 -7.78 -12.80 -15.41
CA ASN B 193 -6.36 -13.00 -15.26
C ASN B 193 -5.58 -11.72 -15.40
N CYS B 194 -4.74 -11.44 -14.41
CA CYS B 194 -3.92 -10.26 -14.47
C CYS B 194 -2.95 -10.38 -15.63
N LEU B 195 -3.09 -9.50 -16.61
CA LEU B 195 -2.26 -9.52 -17.79
C LEU B 195 -1.07 -8.60 -17.55
N ASP B 196 0.10 -9.01 -18.04
CA ASP B 196 1.26 -8.14 -18.09
C ASP B 196 1.09 -7.25 -19.31
N PRO B 197 1.82 -6.13 -19.39
CA PRO B 197 1.62 -5.30 -20.58
C PRO B 197 2.08 -6.04 -21.83
N LEU B 198 1.33 -5.87 -22.92
CA LEU B 198 1.61 -6.51 -24.20
C LEU B 198 3.08 -6.39 -24.63
N TYR B 199 3.67 -7.53 -24.95
CA TYR B 199 5.04 -7.62 -25.41
C TYR B 199 6.15 -7.21 -24.46
N GLU B 200 5.87 -6.99 -23.18
CA GLU B 200 6.94 -6.81 -22.22
C GLU B 200 7.26 -8.24 -22.04
N GLU B 201 8.31 -8.50 -21.28
CA GLU B 201 8.66 -9.82 -20.78
C GLU B 201 7.82 -10.16 -19.56
N LYS B 202 7.10 -11.25 -19.68
CA LYS B 202 6.18 -11.78 -18.71
C LYS B 202 6.82 -12.15 -17.39
N GLY B 203 5.99 -12.19 -16.34
CA GLY B 203 6.55 -12.68 -15.11
C GLY B 203 7.24 -11.62 -14.27
N LYS B 204 7.63 -10.50 -14.88
CA LYS B 204 8.41 -9.47 -14.18
C LYS B 204 7.79 -8.99 -12.86
N TYR B 205 6.55 -8.52 -12.94
CA TYR B 205 5.94 -7.76 -11.86
C TYR B 205 5.56 -8.59 -10.64
N ASN B 206 5.44 -7.91 -9.51
CA ASN B 206 5.10 -8.51 -8.23
C ASN B 206 3.74 -9.19 -8.24
N TYR B 207 2.79 -8.59 -8.95
CA TYR B 207 1.42 -9.09 -8.98
C TYR B 207 1.17 -10.11 -10.11
N SER B 208 2.13 -10.17 -11.05
CA SER B 208 1.99 -10.95 -12.29
C SER B 208 1.41 -12.35 -12.06
N LEU B 209 0.44 -12.75 -12.88
CA LEU B 209 -0.13 -14.09 -12.73
C LEU B 209 0.65 -15.13 -13.52
N LYS B 210 1.56 -15.81 -12.82
CA LYS B 210 2.33 -16.91 -13.40
C LYS B 210 1.42 -18.11 -13.64
N PRO B 211 1.79 -18.96 -14.63
CA PRO B 211 1.00 -20.16 -14.94
C PRO B 211 0.82 -21.08 -13.73
N LYS B 212 1.86 -21.25 -12.91
CA LYS B 212 1.72 -22.09 -11.73
C LYS B 212 0.73 -21.50 -10.74
N ASP B 213 0.59 -20.17 -10.75
CA ASP B 213 -0.31 -19.44 -9.84
C ASP B 213 -1.74 -19.66 -10.33
N TYR B 214 -1.87 -19.59 -11.61
CA TYR B 214 -3.21 -19.69 -12.20
C TYR B 214 -3.77 -21.11 -12.04
N THR B 215 -2.91 -22.09 -12.21
CA THR B 215 -3.28 -23.46 -11.93
C THR B 215 -3.87 -23.67 -10.52
N LYS B 216 -3.15 -23.16 -9.57
CA LYS B 216 -3.57 -23.21 -8.19
C LYS B 216 -4.87 -22.48 -7.94
N PHE B 217 -4.99 -21.28 -8.51
CA PHE B 217 -6.21 -20.51 -8.42
C PHE B 217 -7.39 -21.30 -9.00
N LEU B 218 -7.21 -21.83 -10.21
CA LEU B 218 -8.35 -22.47 -10.90
C LEU B 218 -8.85 -23.69 -10.15
N LYS B 219 -7.92 -24.52 -9.67
CA LYS B 219 -8.31 -25.78 -9.05
C LYS B 219 -9.05 -25.51 -7.78
N ASN B 220 -8.54 -24.56 -7.01
CA ASN B 220 -9.16 -24.29 -5.72
C ASN B 220 -10.49 -23.55 -5.86
N LEU B 221 -10.54 -22.59 -6.77
CA LEU B 221 -11.81 -21.93 -7.06
C LEU B 221 -12.87 -22.95 -7.47
N PHE B 222 -12.51 -23.88 -8.35
CA PHE B 222 -13.46 -24.89 -8.82
C PHE B 222 -14.01 -25.75 -7.67
N ASP B 223 -13.13 -26.16 -6.76
CA ASP B 223 -13.56 -26.93 -5.59
C ASP B 223 -14.63 -26.21 -4.77
N PHE B 224 -14.42 -24.92 -4.49
CA PHE B 224 -15.39 -24.14 -3.73
C PHE B 224 -16.70 -24.02 -4.50
N TRP B 225 -16.61 -23.77 -5.79
CA TRP B 225 -17.78 -23.63 -6.67
C TRP B 225 -18.58 -24.93 -6.73
N TYR B 226 -17.87 -26.04 -6.86
CA TYR B 226 -18.53 -27.34 -7.01
C TYR B 226 -19.23 -27.74 -5.71
N GLU B 227 -18.58 -27.45 -4.58
CA GLU B 227 -19.15 -27.73 -3.26
C GLU B 227 -20.48 -27.00 -3.10
N ASP B 228 -20.49 -25.73 -3.49
CA ASP B 228 -21.71 -24.95 -3.50
C ASP B 228 -22.77 -25.52 -4.45
N PHE B 229 -22.35 -25.96 -5.64
CA PHE B 229 -23.29 -26.60 -6.56
C PHE B 229 -23.97 -27.79 -5.88
N LEU B 230 -23.17 -28.62 -5.22
CA LEU B 230 -23.69 -29.82 -4.56
C LEU B 230 -24.68 -29.44 -3.47
N ASN B 231 -24.38 -28.38 -2.72
CA ASN B 231 -25.21 -27.99 -1.59
C ASN B 231 -26.36 -27.07 -2.01
N GLY B 232 -26.51 -26.88 -3.31
CA GLY B 232 -27.66 -26.16 -3.83
C GLY B 232 -27.50 -24.66 -3.85
N ASN B 233 -26.39 -24.16 -3.31
CA ASN B 233 -26.03 -22.74 -3.40
C ASN B 233 -25.38 -22.49 -4.76
N ARG B 234 -26.16 -22.06 -5.74
CA ARG B 234 -25.63 -21.85 -7.07
C ARG B 234 -24.89 -20.51 -7.26
N VAL B 235 -23.61 -20.59 -7.48
CA VAL B 235 -22.78 -19.41 -7.67
C VAL B 235 -22.32 -19.36 -9.12
N SER B 236 -22.64 -18.29 -9.83
CA SER B 236 -22.19 -18.16 -11.22
C SER B 236 -20.77 -17.59 -11.30
N ILE B 237 -19.90 -18.34 -11.97
CA ILE B 237 -18.53 -17.92 -12.24
C ILE B 237 -18.38 -17.98 -13.75
N ARG B 238 -18.13 -16.85 -14.38
CA ARG B 238 -18.17 -16.72 -15.82
C ARG B 238 -17.37 -17.79 -16.57
N TYR B 239 -16.14 -18.07 -16.18
CA TYR B 239 -15.31 -19.05 -16.87
C TYR B 239 -15.92 -20.44 -16.79
N PHE B 240 -16.41 -20.82 -15.61
CA PHE B 240 -17.00 -22.17 -15.46
C PHE B 240 -18.34 -22.23 -16.21
N ASP B 241 -19.14 -21.17 -16.14
CA ASP B 241 -20.34 -21.12 -16.97
C ASP B 241 -20.02 -21.25 -18.45
N GLY B 242 -18.90 -20.68 -18.86
CA GLY B 242 -18.50 -20.70 -20.24
C GLY B 242 -18.17 -22.12 -20.71
N LEU B 243 -17.48 -22.86 -19.86
CA LEU B 243 -17.20 -24.28 -20.13
C LEU B 243 -18.50 -25.09 -20.20
N LEU B 244 -19.43 -24.83 -19.30
CA LEU B 244 -20.74 -25.46 -19.37
C LEU B 244 -21.49 -25.12 -20.65
N GLU B 245 -21.41 -23.87 -21.10
CA GLU B 245 -22.03 -23.47 -22.33
C GLU B 245 -21.44 -24.25 -23.49
N THR B 246 -20.13 -24.35 -23.51
CA THR B 246 -19.47 -25.07 -24.56
C THR B 246 -20.05 -26.48 -24.55
N ILE B 247 -19.90 -27.22 -23.47
CA ILE B 247 -20.41 -28.58 -23.44
C ILE B 247 -21.92 -28.66 -23.75
N LEU B 248 -22.75 -27.88 -23.08
CA LEU B 248 -24.18 -27.94 -23.34
C LEU B 248 -24.74 -27.38 -24.68
N LEU B 249 -24.16 -26.29 -25.15
CA LEU B 249 -24.65 -25.57 -26.33
C LEU B 249 -23.68 -25.69 -27.50
N GLY B 250 -22.44 -26.05 -27.22
CA GLY B 250 -21.43 -26.16 -28.28
C GLY B 250 -20.51 -24.97 -28.43
N LYS B 251 -20.83 -23.84 -27.81
CA LYS B 251 -20.01 -22.62 -27.86
C LYS B 251 -20.27 -21.72 -26.67
N SER B 252 -19.26 -20.94 -26.26
CA SER B 252 -19.35 -20.06 -25.11
C SER B 252 -19.79 -18.67 -25.54
N SER B 253 -20.40 -17.93 -24.63
CA SER B 253 -20.75 -16.53 -24.90
C SER B 253 -19.61 -15.58 -24.50
N SER B 254 -18.53 -16.12 -23.95
CA SER B 254 -17.37 -15.30 -23.59
C SER B 254 -16.27 -15.39 -24.64
N CYS B 255 -15.92 -14.23 -25.17
CA CYS B 255 -14.83 -14.11 -26.12
C CYS B 255 -13.54 -14.59 -25.42
N GLY B 256 -12.69 -15.30 -26.16
CA GLY B 256 -11.49 -15.89 -25.55
C GLY B 256 -11.67 -17.39 -25.30
N MET B 257 -12.90 -17.87 -25.40
CA MET B 257 -13.15 -19.29 -25.08
C MET B 257 -13.52 -20.12 -26.30
N ASN B 258 -13.60 -19.47 -27.45
CA ASN B 258 -14.06 -20.15 -28.67
C ASN B 258 -12.98 -20.42 -29.70
N GLY B 259 -11.75 -20.09 -29.37
CA GLY B 259 -10.60 -20.45 -30.20
C GLY B 259 -10.17 -19.39 -31.19
N THR B 260 -11.11 -18.51 -31.57
CA THR B 260 -10.80 -17.45 -32.52
C THR B 260 -11.37 -16.12 -32.04
N CYS B 261 -10.85 -15.04 -32.63
CA CYS B 261 -11.25 -13.69 -32.25
C CYS B 261 -12.52 -13.22 -32.95
N THR B 262 -13.16 -12.21 -32.36
CA THR B 262 -14.33 -11.55 -32.94
C THR B 262 -14.03 -10.05 -32.97
N CYS B 263 -14.80 -9.27 -33.73
CA CYS B 263 -14.71 -7.83 -33.63
C CYS B 263 -15.61 -7.34 -32.48
N GLN B 264 -14.99 -6.77 -31.46
CA GLN B 264 -15.71 -6.30 -30.27
C GLN B 264 -16.24 -4.87 -30.44
N PHE B 265 -15.85 -4.22 -31.51
CA PHE B 265 -16.28 -2.85 -31.79
C PHE B 265 -16.02 -1.97 -30.56
N VAL B 266 -14.75 -1.87 -30.17
CA VAL B 266 -14.34 -0.95 -29.12
C VAL B 266 -14.33 0.48 -29.67
N VAL B 267 -15.10 1.36 -29.05
CA VAL B 267 -15.21 2.74 -29.54
C VAL B 267 -14.55 3.68 -28.54
N GLU B 268 -13.49 4.32 -28.97
CA GLU B 268 -12.82 5.28 -28.15
C GLU B 268 -13.54 6.63 -28.23
N SER B 269 -13.22 7.53 -27.32
CA SER B 269 -14.07 8.82 -27.21
CA SER B 269 -14.15 8.66 -27.31
C SER B 269 -14.23 9.79 -28.46
N ASP B 270 -13.13 9.64 -29.16
CA ASP B 270 -12.99 10.31 -30.45
C ASP B 270 -13.69 9.57 -31.61
N GLY B 271 -14.28 8.45 -31.30
CA GLY B 271 -15.04 7.68 -32.28
C GLY B 271 -14.23 6.65 -33.05
N SER B 272 -12.92 6.58 -32.76
CA SER B 272 -12.04 5.56 -33.35
C SER B 272 -12.47 4.17 -32.93
N VAL B 273 -12.42 3.20 -33.84
CA VAL B 273 -12.94 1.86 -33.54
C VAL B 273 -11.83 0.80 -33.64
N TYR B 274 -11.81 -0.14 -32.68
CA TYR B 274 -10.79 -1.18 -32.57
C TYR B 274 -11.48 -2.54 -32.44
N PRO B 275 -10.78 -3.62 -32.85
CA PRO B 275 -11.41 -4.95 -32.82
C PRO B 275 -11.43 -5.63 -31.45
N CYS B 276 -10.59 -5.19 -30.52
CA CYS B 276 -10.56 -5.80 -29.19
C CYS B 276 -10.01 -4.85 -28.13
N ASP B 277 -10.53 -5.00 -26.91
CA ASP B 277 -10.16 -4.15 -25.77
C ASP B 277 -8.66 -4.20 -25.47
N PHE B 278 -8.04 -5.33 -25.82
CA PHE B 278 -6.61 -5.56 -25.61
C PHE B 278 -5.75 -5.00 -26.72
N TYR B 279 -6.40 -4.57 -27.81
CA TYR B 279 -5.69 -4.08 -28.99
C TYR B 279 -6.15 -2.69 -29.43
N VAL B 280 -6.30 -1.80 -28.46
CA VAL B 280 -6.60 -0.40 -28.71
C VAL B 280 -5.26 0.28 -28.97
N LEU B 281 -4.85 0.21 -30.23
CA LEU B 281 -3.53 0.62 -30.69
C LEU B 281 -3.73 1.15 -32.10
N ASP B 282 -2.97 2.18 -32.45
CA ASP B 282 -3.01 2.76 -33.79
C ASP B 282 -3.01 1.72 -34.92
N LYS B 283 -2.11 0.75 -34.85
CA LYS B 283 -2.06 -0.28 -35.90
C LYS B 283 -3.34 -1.04 -36.14
N TRP B 284 -4.17 -1.13 -35.10
CA TRP B 284 -5.43 -1.87 -35.23
C TRP B 284 -6.67 -0.99 -35.33
N ARG B 285 -6.48 0.29 -35.60
CA ARG B 285 -7.61 1.16 -35.73
C ARG B 285 -8.31 0.80 -37.01
N LEU B 286 -9.64 0.65 -36.98
CA LEU B 286 -10.42 0.22 -38.15
C LEU B 286 -11.00 1.41 -38.91
N GLY B 287 -11.09 2.54 -38.21
CA GLY B 287 -11.69 3.73 -38.77
C GLY B 287 -12.52 4.44 -37.72
N ASN B 288 -13.35 5.39 -38.14
CA ASN B 288 -14.17 6.15 -37.20
C ASN B 288 -15.66 5.86 -37.37
N ILE B 289 -16.36 5.72 -36.26
CA ILE B 289 -17.78 5.43 -36.28
C ILE B 289 -18.62 6.53 -36.87
N GLN B 290 -18.11 7.73 -36.97
CA GLN B 290 -18.88 8.76 -37.57
C GLN B 290 -18.94 8.66 -39.11
N ASP B 291 -17.93 8.06 -39.71
CA ASP B 291 -17.74 7.96 -41.17
C ASP B 291 -18.11 6.64 -41.78
N MET B 292 -18.08 5.60 -40.98
CA MET B 292 -18.23 4.27 -41.46
C MET B 292 -19.39 3.51 -40.80
N THR B 293 -20.08 2.73 -41.60
CA THR B 293 -21.07 1.82 -41.05
C THR B 293 -20.37 0.72 -40.26
N MET B 294 -21.13 0.04 -39.40
CA MET B 294 -20.59 -1.08 -38.64
C MET B 294 -20.11 -2.18 -39.58
N LYS B 295 -20.85 -2.41 -40.65
CA LYS B 295 -20.50 -3.42 -41.65
C LYS B 295 -19.17 -3.07 -42.31
N GLU B 296 -19.01 -1.82 -42.73
CA GLU B 296 -17.78 -1.36 -43.35
C GLU B 296 -16.59 -1.54 -42.41
N LEU B 297 -16.78 -1.14 -41.16
CA LEU B 297 -15.74 -1.32 -40.14
C LEU B 297 -15.41 -2.81 -40.00
N PHE B 298 -16.43 -3.65 -40.01
CA PHE B 298 -16.21 -5.08 -39.87
C PHE B 298 -15.44 -5.63 -41.07
N GLU B 299 -15.75 -5.12 -42.26
CA GLU B 299 -15.18 -5.65 -43.52
C GLU B 299 -13.85 -5.01 -43.89
N THR B 300 -13.36 -4.12 -43.05
CA THR B 300 -12.02 -3.58 -43.27
C THR B 300 -10.96 -4.66 -43.37
N ASN B 301 -9.92 -4.39 -44.15
CA ASN B 301 -8.84 -5.35 -44.28
C ASN B 301 -8.18 -5.54 -42.92
N LYS B 302 -8.08 -4.46 -42.16
CA LYS B 302 -7.51 -4.50 -40.82
C LYS B 302 -8.23 -5.44 -39.90
N ASN B 303 -9.54 -5.36 -39.90
CA ASN B 303 -10.30 -6.26 -39.03
C ASN B 303 -10.18 -7.71 -39.50
N HIS B 304 -10.31 -7.91 -40.78
CA HIS B 304 -10.19 -9.24 -41.32
C HIS B 304 -8.83 -9.88 -40.98
N GLU B 305 -7.79 -9.10 -41.00
CA GLU B 305 -6.52 -9.63 -40.66
C GLU B 305 -6.39 -9.88 -39.18
N PHE B 306 -6.91 -8.98 -38.38
CA PHE B 306 -6.90 -9.21 -36.94
C PHE B 306 -7.50 -10.57 -36.62
N ILE B 307 -8.64 -10.85 -37.24
CA ILE B 307 -9.36 -12.09 -36.98
C ILE B 307 -8.66 -13.29 -37.60
N LYS B 308 -8.24 -13.18 -38.87
CA LYS B 308 -7.64 -14.32 -39.55
C LYS B 308 -6.39 -14.81 -38.86
N LEU B 309 -5.64 -13.88 -38.25
CA LEU B 309 -4.44 -14.22 -37.48
C LEU B 309 -4.73 -15.21 -36.35
N SER B 310 -5.88 -15.05 -35.71
CA SER B 310 -6.26 -15.91 -34.58
C SER B 310 -6.59 -17.36 -35.01
N PHE B 311 -6.71 -17.60 -36.31
CA PHE B 311 -7.10 -18.92 -36.78
C PHE B 311 -5.97 -19.94 -36.74
N LYS B 312 -4.74 -19.50 -36.53
CA LYS B 312 -3.61 -20.41 -36.33
C LYS B 312 -3.79 -21.33 -35.14
N VAL B 313 -3.55 -22.62 -35.38
CA VAL B 313 -3.63 -23.59 -34.29
C VAL B 313 -2.23 -24.13 -34.00
N HIS B 314 -1.72 -23.92 -32.79
CA HIS B 314 -0.41 -24.43 -32.38
C HIS B 314 -0.38 -25.95 -32.42
N GLU B 315 0.80 -26.52 -32.69
CA GLU B 315 0.95 -27.98 -32.78
C GLU B 315 0.62 -28.71 -31.48
N GLU B 316 0.81 -28.02 -30.39
CA GLU B 316 0.56 -28.61 -29.15
C GLU B 316 -0.92 -28.88 -29.00
N CYS B 317 -1.72 -27.94 -29.47
CA CYS B 317 -3.17 -28.05 -29.47
C CYS B 317 -3.67 -29.14 -30.41
N LYS B 318 -3.07 -29.25 -31.56
CA LYS B 318 -3.51 -30.27 -32.50
C LYS B 318 -3.49 -31.65 -31.87
N LYS B 319 -2.56 -31.89 -30.93
CA LYS B 319 -2.41 -33.22 -30.35
C LYS B 319 -3.04 -33.32 -28.96
N CYS B 320 -3.69 -32.25 -28.54
CA CYS B 320 -4.23 -32.14 -27.20
C CYS B 320 -5.60 -32.78 -27.00
N LYS B 321 -5.70 -33.59 -25.95
CA LYS B 321 -6.95 -34.25 -25.57
C LYS B 321 -8.04 -33.27 -25.16
N TRP B 322 -7.65 -32.03 -24.84
CA TRP B 322 -8.62 -31.01 -24.43
C TRP B 322 -8.97 -30.03 -25.53
N PHE B 323 -8.45 -30.23 -26.73
CA PHE B 323 -8.61 -29.22 -27.80
C PHE B 323 -10.04 -28.77 -28.04
N ARG B 324 -10.96 -29.73 -28.12
CA ARG B 324 -12.33 -29.40 -28.45
C ARG B 324 -12.93 -28.47 -27.42
N LEU B 325 -12.46 -28.60 -26.18
CA LEU B 325 -13.03 -27.84 -25.07
C LEU B 325 -12.33 -26.51 -24.91
N CYS B 326 -11.02 -26.53 -25.08
CA CYS B 326 -10.18 -25.38 -24.81
C CYS B 326 -9.94 -24.51 -26.04
N LYS B 327 -9.75 -25.15 -27.18
CA LYS B 327 -9.55 -24.48 -28.47
C LYS B 327 -8.43 -23.46 -28.55
N GLY B 328 -7.55 -23.47 -27.59
CA GLY B 328 -6.32 -22.70 -27.71
C GLY B 328 -6.36 -21.48 -26.87
N GLY B 329 -7.53 -21.18 -26.36
CA GLY B 329 -7.63 -20.03 -25.48
C GLY B 329 -7.66 -18.66 -26.16
N CYS B 330 -7.50 -17.60 -25.38
CA CYS B 330 -7.61 -16.23 -25.88
C CYS B 330 -6.35 -15.81 -26.63
N ARG B 331 -6.55 -15.27 -27.84
CA ARG B 331 -5.42 -14.86 -28.69
C ARG B 331 -4.43 -13.91 -27.98
N ARG B 332 -4.94 -13.10 -27.04
CA ARG B 332 -4.09 -12.16 -26.31
C ARG B 332 -3.06 -12.92 -25.48
N CYS B 333 -3.40 -14.14 -25.09
CA CYS B 333 -2.48 -14.91 -24.26
C CYS B 333 -1.52 -15.76 -25.11
N ARG B 334 -1.66 -15.61 -26.42
CA ARG B 334 -0.80 -16.31 -27.37
C ARG B 334 0.16 -15.35 -28.06
N ASP B 335 -0.10 -14.09 -27.82
CA ASP B 335 0.53 -13.03 -28.57
C ASP B 335 1.74 -12.51 -27.84
N SER B 336 2.88 -13.08 -28.16
CA SER B 336 4.06 -12.93 -27.35
C SER B 336 5.12 -12.03 -27.94
N LYS B 337 5.24 -12.04 -29.26
CA LYS B 337 6.22 -11.21 -29.92
C LYS B 337 5.55 -10.50 -31.07
N GLU B 338 5.76 -9.19 -31.13
CA GLU B 338 5.01 -8.31 -32.02
C GLU B 338 5.26 -8.62 -33.49
N ASP B 339 4.19 -8.57 -34.29
CA ASP B 339 4.22 -8.90 -35.71
C ASP B 339 4.64 -10.35 -36.01
N SER B 340 4.88 -11.12 -34.95
CA SER B 340 5.22 -12.53 -35.10
C SER B 340 3.97 -13.42 -35.04
N ALA B 341 4.06 -14.64 -35.57
CA ALA B 341 2.93 -15.56 -35.50
C ALA B 341 2.58 -15.85 -34.05
N LEU B 342 1.32 -16.18 -33.81
CA LEU B 342 0.85 -16.51 -32.47
C LEU B 342 1.57 -17.75 -31.98
N GLU B 343 1.88 -17.80 -30.69
CA GLU B 343 2.52 -18.98 -30.17
C GLU B 343 1.57 -19.68 -29.19
N LEU B 344 2.06 -20.72 -28.51
CA LEU B 344 1.20 -21.43 -27.56
C LEU B 344 0.69 -20.53 -26.45
N ASN B 345 -0.57 -20.72 -26.06
CA ASN B 345 -1.15 -19.98 -24.94
C ASN B 345 -0.30 -20.02 -23.68
N TYR B 346 -0.04 -18.85 -23.12
CA TYR B 346 0.77 -18.70 -21.91
C TYR B 346 0.30 -19.61 -20.78
N TYR B 347 -1.02 -19.83 -20.73
CA TYR B 347 -1.61 -20.58 -19.64
C TYR B 347 -1.97 -22.01 -20.03
N CYS B 348 -1.39 -22.48 -21.13
CA CYS B 348 -1.68 -23.83 -21.63
C CYS B 348 -1.52 -24.86 -20.53
N GLN B 349 -0.44 -24.75 -19.76
CA GLN B 349 -0.16 -25.80 -18.78
C GLN B 349 -1.20 -25.72 -17.66
N SER B 350 -1.68 -24.52 -17.39
CA SER B 350 -2.69 -24.33 -16.36
C SER B 350 -4.00 -25.00 -16.81
N TYR B 351 -4.36 -24.83 -18.06
CA TYR B 351 -5.58 -25.40 -18.55
C TYR B 351 -5.49 -26.91 -18.48
N LYS B 352 -4.43 -27.50 -18.99
CA LYS B 352 -4.29 -28.96 -18.98
C LYS B 352 -4.43 -29.52 -17.58
N GLU B 353 -3.76 -28.90 -16.61
CA GLU B 353 -3.83 -29.45 -15.27
C GLU B 353 -5.21 -29.21 -14.65
N PHE B 354 -5.83 -28.08 -14.96
CA PHE B 354 -7.17 -27.76 -14.48
C PHE B 354 -8.19 -28.74 -15.03
N PHE B 355 -8.13 -28.98 -16.33
CA PHE B 355 -9.04 -29.92 -17.00
C PHE B 355 -8.92 -31.33 -16.44
N GLU B 356 -7.69 -31.80 -16.22
CA GLU B 356 -7.52 -33.12 -15.57
C GLU B 356 -8.26 -33.17 -14.22
N TYR B 357 -8.19 -32.07 -13.49
CA TYR B 357 -8.77 -31.99 -12.15
C TYR B 357 -10.28 -31.83 -12.11
N ALA B 358 -10.84 -31.14 -13.09
CA ALA B 358 -12.21 -30.65 -13.02
C ALA B 358 -13.14 -31.29 -14.05
N PHE B 359 -12.58 -31.80 -15.15
CA PHE B 359 -13.43 -32.25 -16.25
C PHE B 359 -14.52 -33.21 -15.81
N PRO B 360 -14.18 -34.25 -15.02
CA PRO B 360 -15.26 -35.19 -14.71
C PRO B 360 -16.40 -34.54 -13.92
N ARG B 361 -16.07 -33.56 -13.09
CA ARG B 361 -17.12 -32.89 -12.31
C ARG B 361 -17.85 -31.86 -13.14
N LEU B 362 -17.18 -31.19 -14.02
CA LEU B 362 -17.78 -30.34 -15.02
C LEU B 362 -18.83 -31.11 -15.84
N ILE B 363 -18.50 -32.32 -16.28
CA ILE B 363 -19.45 -33.14 -17.07
C ILE B 363 -20.66 -33.50 -16.22
N ASN B 364 -20.41 -33.83 -14.95
CA ASN B 364 -21.45 -34.12 -13.98
C ASN B 364 -22.37 -32.90 -13.76
N VAL B 365 -21.78 -31.71 -13.64
CA VAL B 365 -22.60 -30.51 -13.51
C VAL B 365 -23.42 -30.33 -14.80
N ALA B 366 -22.77 -30.40 -15.96
CA ALA B 366 -23.48 -30.23 -17.24
C ALA B 366 -24.66 -31.20 -17.39
N ASN B 367 -24.43 -32.46 -17.03
CA ASN B 367 -25.46 -33.49 -17.21
C ASN B 367 -26.60 -33.45 -16.20
N ASN B 368 -26.43 -32.66 -15.15
CA ASN B 368 -27.40 -32.57 -14.08
C ASN B 368 -27.88 -31.13 -13.91
N ILE B 369 -27.88 -30.40 -15.03
CA ILE B 369 -28.30 -29.00 -15.06
C ILE B 369 -29.70 -28.86 -15.64
N THR C 3 -20.59 -13.23 -28.46
CA THR C 3 -19.41 -13.25 -27.62
C THR C 3 -19.12 -11.87 -26.99
N SER C 4 -19.28 -11.78 -25.67
CA SER C 4 -19.05 -10.51 -24.96
C SER C 4 -17.60 -10.41 -24.47
N PRO C 5 -17.09 -9.16 -24.40
CA PRO C 5 -15.69 -8.88 -24.00
C PRO C 5 -15.34 -9.43 -22.62
N MET C 6 -14.04 -9.63 -22.41
CA MET C 6 -13.53 -10.22 -21.19
C MET C 6 -13.82 -9.33 -19.97
N CYS C 7 -13.45 -8.07 -20.05
CA CYS C 7 -13.48 -7.12 -18.96
C CYS C 7 -14.80 -6.29 -18.89
N ALA C 8 -15.87 -6.96 -19.24
CA ALA C 8 -17.19 -6.34 -19.19
C ALA C 8 -18.25 -7.26 -18.57
N PRO C 9 -19.24 -6.71 -17.90
CA PRO C 9 -20.22 -7.58 -17.24
C PRO C 9 -21.08 -8.39 -18.23
N ALA C 10 -21.26 -9.67 -17.94
CA ALA C 10 -22.11 -10.50 -18.77
C ALA C 10 -22.69 -11.65 -17.95
N ARG C 11 -23.83 -12.16 -18.39
CA ARG C 11 -24.43 -13.33 -17.75
C ARG C 11 -24.80 -14.40 -18.75
N SER C 12 -24.96 -15.61 -18.24
CA SER C 12 -25.00 -16.80 -19.08
C SER C 12 -26.22 -16.94 -19.98
N MET C 13 -25.99 -17.56 -21.14
CA MET C 13 -27.04 -17.94 -22.09
C MET C 13 -28.03 -18.94 -21.47
N THR D 3 9.43 2.90 8.62
CA THR D 3 9.78 2.69 10.02
C THR D 3 9.89 4.02 10.79
N SER D 4 10.13 3.93 12.10
CA SER D 4 10.26 5.12 12.94
C SER D 4 11.66 5.25 13.55
N PRO D 5 12.16 6.50 13.64
CA PRO D 5 13.45 6.86 14.24
C PRO D 5 13.64 6.38 15.68
N MET D 6 14.90 6.13 16.05
CA MET D 6 15.28 5.64 17.37
C MET D 6 14.94 6.59 18.53
N CYS D 7 15.23 7.88 18.37
CA CYS D 7 15.08 8.84 19.46
C CYS D 7 13.80 9.67 19.35
N ALA D 8 12.73 8.95 18.99
CA ALA D 8 11.41 9.52 18.76
C ALA D 8 10.34 8.58 19.29
N PRO D 9 9.21 9.14 19.78
CA PRO D 9 8.14 8.26 20.28
C PRO D 9 7.49 7.43 19.16
N ALA D 10 7.27 6.15 19.43
CA ALA D 10 6.65 5.27 18.43
C ALA D 10 5.82 4.21 19.11
N ARG D 11 4.80 3.71 18.42
CA ARG D 11 4.00 2.59 18.95
C ARG D 11 3.68 1.51 17.90
N SER D 12 3.86 0.25 18.26
CA SER D 12 3.52 -0.89 17.39
C SER D 12 4.20 -0.84 16.02
FE1 SF4 E . 19.90 5.85 11.39
FE2 SF4 E . 18.14 3.80 11.10
FE3 SF4 E . 20.53 3.74 9.91
FE4 SF4 E . 20.36 3.42 12.59
S1 SF4 E . 19.51 2.02 11.03
S2 SF4 E . 21.86 4.72 11.44
S3 SF4 E . 18.67 4.85 13.04
S4 SF4 E . 18.89 5.23 9.47
FE1 SF4 F . 25.86 -9.98 13.51
FE2 SF4 F . 26.44 -10.18 16.14
FE3 SF4 F . 23.95 -9.59 15.32
FE4 SF4 F . 24.94 -12.06 14.97
S1 SF4 F . 24.55 -11.03 16.97
S2 SF4 F . 23.79 -10.84 13.46
S3 SF4 F . 27.08 -11.63 14.52
S4 SF4 F . 25.76 -8.31 15.03
FE1 SF4 G . 20.05 16.86 24.75
FE2 SF4 G . 17.29 16.65 25.16
FE3 SF4 G . 19.12 16.84 27.26
FE4 SF4 G . 18.65 18.92 25.63
S1 SF4 G . 17.17 17.94 27.04
S2 SF4 G . 20.65 18.30 26.40
S3 SF4 G . 18.41 17.93 23.60
S4 SF4 G . 18.91 15.14 25.75
N SAM H . 15.35 17.50 24.07
CA SAM H . 14.38 16.44 23.82
C SAM H . 14.57 15.27 24.80
O SAM H . 15.55 15.15 25.57
OXT SAM H . 13.72 14.39 24.85
CB SAM H . 14.44 15.99 22.36
CG SAM H . 15.83 15.73 21.77
SD SAM H . 16.81 14.45 22.61
CE SAM H . 18.33 14.54 21.63
C5' SAM H . 15.96 12.98 21.96
C4' SAM H . 16.33 11.75 22.78
O4' SAM H . 17.69 11.47 22.51
C3' SAM H . 16.21 11.93 24.30
O3' SAM H . 15.58 10.81 24.90
C2' SAM H . 17.65 11.94 24.77
O2' SAM H . 17.76 11.55 26.12
C1' SAM H . 18.28 11.05 23.70
N9 SAM H . 19.76 11.16 23.71
C8 SAM H . 20.52 12.27 24.04
N7 SAM H . 21.82 11.89 23.98
C5 SAM H . 21.90 10.59 23.65
C6 SAM H . 22.99 9.72 23.44
N6 SAM H . 24.25 10.14 23.61
N1 SAM H . 22.75 8.40 23.07
C2 SAM H . 21.45 7.96 22.93
N3 SAM H . 20.38 8.82 23.11
C4 SAM H . 20.61 10.11 23.47
C1 GOL I . 18.43 -6.59 17.19
O1 GOL I . 19.17 -7.06 18.24
C2 GOL I . 19.35 -5.53 16.58
O2 GOL I . 18.90 -5.46 15.26
C3 GOL I . 19.15 -4.22 17.34
O3 GOL I . 19.46 -3.08 16.57
C1 GOL J . 0.32 4.80 29.55
O1 GOL J . 1.50 4.46 30.30
C2 GOL J . 0.47 6.21 28.98
O2 GOL J . 0.12 7.16 29.99
C3 GOL J . -0.46 6.37 27.78
O3 GOL J . 0.29 6.83 26.66
C1 GOL K . 8.23 27.36 26.10
O1 GOL K . 6.95 27.51 26.66
C2 GOL K . 8.80 28.74 25.83
O2 GOL K . 8.37 29.20 24.57
C3 GOL K . 10.32 28.67 25.86
O3 GOL K . 10.83 29.92 25.47
C1 GOL L . -9.53 15.25 -1.75
O1 GOL L . -9.38 15.33 -0.37
C2 GOL L . -9.43 13.76 -2.07
O2 GOL L . -10.66 13.15 -1.73
C3 GOL L . -9.08 13.60 -3.53
O3 GOL L . -9.61 12.39 -4.02
C1 GOL M . 21.14 -6.18 37.78
O1 GOL M . 21.69 -7.07 38.73
C2 GOL M . 21.14 -4.75 38.31
O2 GOL M . 20.81 -3.88 37.22
C3 GOL M . 20.08 -4.59 39.40
O3 GOL M . 18.79 -4.82 38.85
C1 GOL N . 3.73 -7.85 24.03
O1 GOL N . 3.00 -7.03 23.13
C2 GOL N . 3.64 -7.27 25.43
O2 GOL N . 4.69 -6.34 25.60
C3 GOL N . 3.75 -8.40 26.47
O3 GOL N . 3.84 -7.89 27.79
C1 GOL O . 5.36 22.44 -3.14
O1 GOL O . 4.44 21.42 -2.81
C2 GOL O . 5.26 23.47 -2.05
O2 GOL O . 4.36 24.47 -2.45
C3 GOL O . 6.63 24.11 -1.84
O3 GOL O . 6.83 24.16 -0.45
C1 GOL P . 3.80 31.53 14.49
O1 GOL P . 2.95 32.63 14.27
C2 GOL P . 5.17 32.07 14.89
O2 GOL P . 5.75 32.75 13.78
C3 GOL P . 6.08 30.93 15.36
O3 GOL P . 7.33 31.50 15.69
CL CL Q . 14.78 16.75 41.36
CL CL R . 13.49 -0.39 24.11
FE1 SF4 S . -9.75 -10.18 -27.87
FE2 SF4 S . -11.52 -12.19 -27.93
FE3 SF4 S . -9.36 -12.29 -29.46
FE4 SF4 S . -9.12 -12.61 -26.79
S1 SF4 S . -10.20 -14.00 -28.22
S2 SF4 S . -7.81 -11.31 -28.15
S3 SF4 S . -10.72 -11.19 -26.07
S4 SF4 S . -11.02 -10.77 -29.62
FE1 SF4 T . -3.86 -26.03 -26.64
FE2 SF4 T . -2.93 -26.19 -24.12
FE3 SF4 T . -5.55 -25.64 -24.61
FE4 SF4 T . -4.56 -28.13 -25.05
S1 SF4 T . -4.71 -27.08 -23.05
S2 SF4 T . -5.93 -26.94 -26.42
S3 SF4 T . -2.51 -27.65 -25.83
S4 SF4 T . -3.76 -24.34 -25.13
FE1 SF4 U . -7.68 0.78 -14.18
FE2 SF4 U . -10.31 0.62 -13.43
FE3 SF4 U . -8.28 0.80 -11.55
FE4 SF4 U . -8.87 2.88 -13.09
S1 SF4 U . -10.20 1.93 -11.54
S2 SF4 U . -6.80 2.17 -12.62
S3 SF4 U . -9.38 1.93 -15.08
S4 SF4 U . -8.69 -0.90 -13.02
N SAM V . -12.42 1.54 -14.29
CA SAM V . -13.38 0.45 -14.46
C SAM V . -13.14 -0.72 -13.50
O SAM V . -12.15 -0.81 -12.77
OXT SAM V . -13.99 -1.61 -13.37
CB SAM V . -13.46 -0.02 -15.92
CG SAM V . -12.12 -0.21 -16.66
SD SAM V . -11.04 -1.54 -16.06
CE SAM V . -9.84 -1.56 -17.39
C5' SAM V . -12.01 -3.02 -16.51
C4' SAM V . -11.57 -4.26 -15.71
O4' SAM V . -10.26 -4.63 -16.10
C3' SAM V . -11.54 -4.02 -14.21
O3' SAM V . -12.16 -5.09 -13.51
C2' SAM V . -10.07 -4.06 -13.85
O2' SAM V . -9.92 -4.56 -12.54
C1' SAM V . -9.51 -4.95 -14.94
N9 SAM V . -8.04 -4.86 -15.11
C8 SAM V . -7.22 -3.79 -14.84
N7 SAM V . -5.94 -4.15 -15.11
C5 SAM V . -5.93 -5.43 -15.54
C6 SAM V . -4.90 -6.29 -15.93
N6 SAM V . -3.64 -5.86 -15.94
N1 SAM V . -5.19 -7.58 -16.32
C2 SAM V . -6.50 -8.02 -16.33
N3 SAM V . -7.52 -7.17 -15.93
C4 SAM V . -7.24 -5.89 -15.54
C1 GOL W . -9.58 -22.74 -21.81
O1 GOL W . -10.92 -22.85 -21.37
C2 GOL W . -9.45 -21.49 -22.70
O2 GOL W . -10.36 -21.57 -23.78
C3 GOL W . -9.79 -20.26 -21.88
O3 GOL W . -9.56 -19.09 -22.65
C1 GOL X . -25.59 -10.18 -7.34
O1 GOL X . -25.69 -11.31 -6.49
C2 GOL X . -26.98 -9.58 -7.46
O2 GOL X . -27.22 -8.81 -6.31
C3 GOL X . -27.11 -8.66 -8.68
O3 GOL X . -27.47 -9.38 -9.83
C1 GOL Y . -18.90 11.61 -11.78
O1 GOL Y . -19.84 11.70 -10.74
C2 GOL Y . -18.32 12.99 -11.99
O2 GOL Y . -19.02 13.58 -13.08
C3 GOL Y . -16.86 12.87 -12.36
O3 GOL Y . -16.39 14.14 -12.75
C1 GOL Z . -11.22 9.80 -4.39
O1 GOL Z . -10.88 9.56 -5.73
C2 GOL Z . -12.14 8.72 -4.00
O2 GOL Z . -11.40 7.60 -4.33
C3 GOL Z . -13.35 8.93 -4.86
O3 GOL Z . -14.43 8.67 -4.01
C1 GOL AA . -5.12 -22.41 -2.19
O1 GOL AA . -4.22 -23.29 -1.55
C2 GOL AA . -5.07 -21.01 -1.57
O2 GOL AA . -5.64 -20.11 -2.53
C3 GOL AA . -5.94 -20.94 -0.31
O3 GOL AA . -7.29 -21.05 -0.68
C1 GOL BA . -24.67 -23.51 -12.85
O1 GOL BA . -25.26 -22.53 -13.68
C2 GOL BA . -24.29 -22.87 -11.51
O2 GOL BA . -23.39 -21.78 -11.74
C3 GOL BA . -23.61 -23.93 -10.65
O3 GOL BA . -23.70 -23.58 -9.28
C1 GOL CA . -26.50 6.19 -39.76
O1 GOL CA . -27.22 5.96 -40.95
C2 GOL CA . -26.65 7.66 -39.41
O2 GOL CA . -26.75 8.44 -40.59
C3 GOL CA . -25.46 8.18 -38.58
O3 GOL CA . -25.63 9.57 -38.35
CL CL DA . -14.45 -16.19 -14.29
#